data_7UKD
#
_entry.id   7UKD
#
_cell.length_a   1.00
_cell.length_b   1.00
_cell.length_c   1.00
_cell.angle_alpha   90.00
_cell.angle_beta   90.00
_cell.angle_gamma   90.00
#
_symmetry.space_group_name_H-M   'P 1'
#
loop_
_entity.id
_entity.type
_entity.pdbx_description
1 polymer 'Potassium voltage-gated channel subfamily D member 2'
2 non-polymer 'POTASSIUM ION'
#
_entity_poly.entity_id   1
_entity_poly.type   'polypeptide(L)'
_entity_poly.pdbx_seq_one_letter_code
;MAAGVAAWLPFARAAAIGWMPVASGPMPAPPRQERKRTQDALIVLNVSGTRFQTWQDTLERYPDTLLGSSERDFFYHPET
QQYFFDRDPDIFRHILNFYRTGKLHYPRHECISAYDEELAFFGLIPEIIGDCCYEEYKDRRRENAERLQDDADTDTAGES
ALPTMTARQRVWRAFENPHTSTMALVFYYVTGFFIAVSVIANVVETVPCGSSPGHIKELPCGERYAVAFFCLDTACVMIF
TVEYLLRLAAAPSRYRFVRSVMSIIDVVAILPYYIGLVMTDNEDVSGAFVTLRVFRVFRIFKFSRHSQGLRILGYTLKSC
ASELGFLLFSLTMAIIIFATVMFYAEKGSSASKFTSIPAAFWYTIVTMTTLGYGDMVPKTIAGKIFGSICSLSGVLVIAL
PVPVIVSNFSRIYHQNQRADKRRAQKKARLARIRAAKSGSANAYMQSKRNGLLSNQLQSSEDEQAFVSKSGSSFETQHHH
LLHCLEKTTNHEFVDEQVFEESCMEVATVNRPSSHSPSLSSQQG
;
_entity_poly.pdbx_strand_id   A,B,C,D
#
loop_
_chem_comp.id
_chem_comp.type
_chem_comp.name
_chem_comp.formula
K non-polymer 'POTASSIUM ION' 'K 1'
#
# COMPACT_ATOMS: atom_id res chain seq x y z
N THR A 166 32.23 27.11 -39.10
CA THR A 166 30.98 26.95 -38.36
C THR A 166 30.54 25.50 -38.32
N ALA A 167 31.47 24.58 -38.57
CA ALA A 167 31.15 23.16 -38.56
C ALA A 167 30.69 22.72 -37.17
N ARG A 168 31.35 23.23 -36.13
CA ARG A 168 30.93 22.90 -34.76
C ARG A 168 29.48 23.31 -34.54
N GLN A 169 29.07 24.44 -35.10
CA GLN A 169 27.67 24.86 -34.96
C GLN A 169 26.74 23.83 -35.60
N ARG A 170 27.05 23.37 -36.81
CA ARG A 170 26.19 22.41 -37.48
C ARG A 170 26.10 21.10 -36.72
N VAL A 171 27.23 20.56 -36.29
CA VAL A 171 27.20 19.27 -35.59
C VAL A 171 26.53 19.40 -34.23
N TRP A 172 26.75 20.52 -33.53
CA TRP A 172 26.08 20.73 -32.25
C TRP A 172 24.57 20.87 -32.43
N ARG A 173 24.15 21.54 -33.51
CA ARG A 173 22.72 21.66 -33.78
C ARG A 173 22.12 20.31 -34.13
N ALA A 174 22.88 19.46 -34.83
CA ALA A 174 22.41 18.12 -35.11
C ALA A 174 22.26 17.29 -33.83
N PHE A 175 23.23 17.41 -32.92
CA PHE A 175 23.19 16.62 -31.69
C PHE A 175 22.08 17.11 -30.76
N GLU A 176 22.15 18.37 -30.35
CA GLU A 176 21.24 18.86 -29.30
C GLU A 176 19.81 18.96 -29.82
N ASN A 177 19.64 19.12 -31.12
CA ASN A 177 18.30 19.20 -31.71
C ASN A 177 18.17 18.14 -32.80
N PRO A 178 17.62 16.97 -32.50
CA PRO A 178 17.63 15.87 -33.48
C PRO A 178 16.63 16.04 -34.61
N HIS A 179 15.45 16.61 -34.31
CA HIS A 179 14.40 16.70 -35.31
C HIS A 179 14.68 17.73 -36.39
N THR A 180 15.67 18.61 -36.21
CA THR A 180 15.92 19.65 -37.20
C THR A 180 16.35 19.05 -38.54
N SER A 181 17.22 18.05 -38.52
CA SER A 181 17.73 17.43 -39.73
C SER A 181 17.43 15.94 -39.72
N THR A 182 17.30 15.38 -40.92
CA THR A 182 17.05 13.94 -41.03
C THR A 182 18.28 13.14 -40.63
N MET A 183 19.48 13.68 -40.92
CA MET A 183 20.71 13.02 -40.48
C MET A 183 20.77 12.96 -38.96
N ALA A 184 20.39 14.06 -38.29
CA ALA A 184 20.35 14.05 -36.83
C ALA A 184 19.34 13.04 -36.34
N LEU A 185 18.18 12.95 -36.98
CA LEU A 185 17.16 12.00 -36.55
C LEU A 185 17.64 10.56 -36.70
N VAL A 186 18.30 10.24 -37.81
CA VAL A 186 18.72 8.85 -38.01
C VAL A 186 19.84 8.50 -37.05
N PHE A 187 20.77 9.44 -36.80
CA PHE A 187 21.81 9.17 -35.81
C PHE A 187 21.21 8.98 -34.43
N TYR A 188 20.23 9.81 -34.07
CA TYR A 188 19.56 9.69 -32.79
C TYR A 188 18.87 8.34 -32.65
N TYR A 189 18.17 7.90 -33.70
CA TYR A 189 17.46 6.63 -33.63
C TYR A 189 18.42 5.45 -33.57
N VAL A 190 19.52 5.49 -34.33
CA VAL A 190 20.43 4.34 -34.31
C VAL A 190 21.15 4.26 -32.97
N THR A 191 21.54 5.40 -32.41
CA THR A 191 22.18 5.33 -31.10
C THR A 191 21.18 4.91 -30.01
N GLY A 192 19.91 5.28 -30.15
CA GLY A 192 18.91 4.77 -29.23
C GLY A 192 18.71 3.26 -29.36
N PHE A 193 18.73 2.77 -30.59
CA PHE A 193 18.66 1.33 -30.82
C PHE A 193 19.84 0.62 -30.18
N PHE A 194 21.03 1.21 -30.29
CA PHE A 194 22.21 0.59 -29.67
C PHE A 194 22.13 0.63 -28.15
N ILE A 195 21.58 1.71 -27.59
CA ILE A 195 21.36 1.76 -26.14
C ILE A 195 20.42 0.64 -25.72
N ALA A 196 19.32 0.47 -26.45
CA ALA A 196 18.35 -0.57 -26.10
C ALA A 196 18.97 -1.96 -26.20
N VAL A 197 19.75 -2.21 -27.26
CA VAL A 197 20.33 -3.53 -27.42
C VAL A 197 21.39 -3.79 -26.36
N SER A 198 22.11 -2.75 -25.94
CA SER A 198 23.07 -2.92 -24.85
C SER A 198 22.37 -3.25 -23.55
N VAL A 199 21.26 -2.57 -23.26
CA VAL A 199 20.50 -2.86 -22.04
C VAL A 199 19.99 -4.29 -22.06
N ILE A 200 19.43 -4.71 -23.20
CA ILE A 200 18.87 -6.05 -23.29
C ILE A 200 19.97 -7.10 -23.21
N ALA A 201 21.14 -6.82 -23.79
CA ALA A 201 22.25 -7.77 -23.69
C ALA A 201 22.72 -7.91 -22.25
N ASN A 202 22.81 -6.80 -21.52
CA ASN A 202 23.20 -6.88 -20.12
C ASN A 202 22.20 -7.68 -19.32
N VAL A 203 20.90 -7.51 -19.60
CA VAL A 203 19.89 -8.27 -18.86
C VAL A 203 19.95 -9.75 -19.23
N VAL A 204 20.19 -10.06 -20.51
CA VAL A 204 20.05 -11.44 -20.99
C VAL A 204 21.29 -12.26 -20.64
N GLU A 205 22.46 -11.64 -20.55
CA GLU A 205 23.67 -12.43 -20.32
C GLU A 205 23.66 -13.12 -18.98
N THR A 206 22.76 -12.75 -18.07
CA THR A 206 22.66 -13.39 -16.77
C THR A 206 21.66 -14.54 -16.74
N VAL A 207 20.90 -14.73 -17.81
CA VAL A 207 19.91 -15.82 -17.83
C VAL A 207 20.63 -17.14 -18.06
N PRO A 208 20.44 -18.14 -17.20
CA PRO A 208 21.19 -19.41 -17.35
C PRO A 208 20.74 -20.17 -18.59
N CYS A 209 21.71 -20.59 -19.39
CA CYS A 209 21.43 -21.45 -20.53
C CYS A 209 21.26 -22.90 -20.08
N GLY A 210 20.30 -23.59 -20.68
CA GLY A 210 20.02 -24.97 -20.33
C GLY A 210 20.97 -25.94 -21.00
N SER A 211 20.65 -27.22 -20.83
CA SER A 211 21.31 -28.35 -21.48
C SER A 211 22.72 -28.61 -20.94
N SER A 212 23.21 -27.72 -20.06
CA SER A 212 24.49 -27.83 -19.37
C SER A 212 25.58 -28.42 -20.25
N PRO A 213 26.01 -27.72 -21.29
CA PRO A 213 27.00 -28.30 -22.22
C PRO A 213 28.37 -28.46 -21.60
N GLY A 214 28.75 -29.70 -21.32
CA GLY A 214 30.08 -29.98 -20.78
C GLY A 214 30.36 -29.32 -19.44
N HIS A 215 29.37 -29.24 -18.58
CA HIS A 215 29.54 -28.61 -17.28
C HIS A 215 28.64 -29.29 -16.26
N ILE A 216 29.02 -29.17 -14.99
CA ILE A 216 28.23 -29.76 -13.92
C ILE A 216 26.89 -29.06 -13.79
N LYS A 217 26.88 -27.73 -13.90
CA LYS A 217 25.67 -26.93 -13.74
C LYS A 217 25.49 -26.05 -14.97
N GLU A 218 24.30 -25.46 -15.08
CA GLU A 218 23.98 -24.59 -16.20
C GLU A 218 24.80 -23.30 -16.13
N LEU A 219 25.14 -22.77 -17.31
CA LEU A 219 25.89 -21.53 -17.43
C LEU A 219 24.98 -20.38 -17.86
N PRO A 220 25.28 -19.17 -17.43
CA PRO A 220 24.56 -18.00 -17.97
C PRO A 220 24.95 -17.73 -19.41
N CYS A 221 24.09 -16.98 -20.10
CA CYS A 221 24.36 -16.63 -21.49
C CYS A 221 25.69 -15.89 -21.62
N GLY A 222 26.09 -15.16 -20.58
CA GLY A 222 27.33 -14.41 -20.66
C GLY A 222 28.56 -15.29 -20.56
N GLU A 223 28.39 -16.51 -20.06
CA GLU A 223 29.54 -17.40 -19.92
C GLU A 223 29.55 -18.48 -21.00
N ARG A 224 28.38 -18.96 -21.41
CA ARG A 224 28.33 -19.94 -22.48
C ARG A 224 28.63 -19.33 -23.83
N TYR A 225 28.35 -18.03 -23.99
CA TYR A 225 28.57 -17.29 -25.23
C TYR A 225 29.40 -16.06 -24.95
N ALA A 226 30.51 -16.23 -24.24
CA ALA A 226 31.30 -15.09 -23.81
C ALA A 226 31.80 -14.26 -24.98
N VAL A 227 32.25 -14.92 -26.05
CA VAL A 227 32.79 -14.18 -27.20
C VAL A 227 31.70 -13.35 -27.86
N ALA A 228 30.50 -13.93 -28.04
CA ALA A 228 29.42 -13.21 -28.70
C ALA A 228 28.99 -11.98 -27.90
N PHE A 229 28.85 -12.15 -26.58
CA PHE A 229 28.44 -11.03 -25.75
C PHE A 229 29.54 -9.99 -25.64
N PHE A 230 30.81 -10.42 -25.67
CA PHE A 230 31.89 -9.45 -25.69
C PHE A 230 31.90 -8.65 -26.99
N CYS A 231 31.64 -9.32 -28.12
CA CYS A 231 31.55 -8.60 -29.38
C CYS A 231 30.40 -7.61 -29.38
N LEU A 232 29.24 -8.02 -28.87
CA LEU A 232 28.10 -7.11 -28.79
C LEU A 232 28.41 -5.92 -27.89
N ASP A 233 29.00 -6.19 -26.73
CA ASP A 233 29.34 -5.11 -25.80
C ASP A 233 30.37 -4.16 -26.40
N THR A 234 31.37 -4.71 -27.09
CA THR A 234 32.40 -3.83 -27.66
C THR A 234 31.86 -3.02 -28.83
N ALA A 235 30.93 -3.57 -29.62
CA ALA A 235 30.28 -2.77 -30.64
C ALA A 235 29.51 -1.61 -30.02
N CYS A 236 28.72 -1.92 -28.98
CA CYS A 236 27.95 -0.86 -28.31
C CYS A 236 28.88 0.18 -27.70
N VAL A 237 30.00 -0.25 -27.12
CA VAL A 237 30.92 0.69 -26.48
C VAL A 237 31.63 1.54 -27.53
N MET A 238 31.97 0.96 -28.69
CA MET A 238 32.55 1.79 -29.75
C MET A 238 31.58 2.86 -30.21
N ILE A 239 30.31 2.48 -30.39
CA ILE A 239 29.32 3.46 -30.82
C ILE A 239 29.18 4.56 -29.78
N PHE A 240 29.06 4.18 -28.51
CA PHE A 240 28.92 5.17 -27.44
C PHE A 240 30.15 6.05 -27.35
N THR A 241 31.34 5.49 -27.53
CA THR A 241 32.58 6.25 -27.41
C THR A 241 32.71 7.26 -28.54
N VAL A 242 32.46 6.83 -29.77
CA VAL A 242 32.55 7.79 -30.88
C VAL A 242 31.50 8.87 -30.74
N GLU A 243 30.29 8.51 -30.28
CA GLU A 243 29.26 9.52 -30.07
C GLU A 243 29.68 10.51 -28.99
N TYR A 244 30.24 10.03 -27.89
CA TYR A 244 30.66 10.92 -26.81
C TYR A 244 31.81 11.82 -27.24
N LEU A 245 32.77 11.28 -27.98
CA LEU A 245 33.88 12.10 -28.45
C LEU A 245 33.40 13.16 -29.44
N LEU A 246 32.45 12.81 -30.32
CA LEU A 246 31.90 13.80 -31.22
C LEU A 246 31.16 14.89 -30.45
N ARG A 247 30.37 14.52 -29.45
CA ARG A 247 29.71 15.53 -28.63
C ARG A 247 30.72 16.43 -27.94
N LEU A 248 31.81 15.85 -27.44
CA LEU A 248 32.85 16.63 -26.79
C LEU A 248 33.51 17.60 -27.75
N ALA A 249 33.81 17.14 -28.98
CA ALA A 249 34.45 18.00 -29.96
C ALA A 249 33.48 18.99 -30.59
N ALA A 250 32.19 18.81 -30.37
CA ALA A 250 31.17 19.69 -30.94
C ALA A 250 30.62 20.70 -29.93
N ALA A 251 30.98 20.57 -28.66
CA ALA A 251 30.41 21.43 -27.63
C ALA A 251 31.06 22.80 -27.68
N PRO A 252 30.28 23.88 -27.72
CA PRO A 252 30.90 25.23 -27.72
C PRO A 252 31.74 25.49 -26.48
N SER A 253 31.30 25.00 -25.32
CA SER A 253 32.03 25.11 -24.07
C SER A 253 32.30 23.69 -23.58
N ARG A 254 33.47 23.17 -23.95
CA ARG A 254 33.78 21.77 -23.66
C ARG A 254 33.80 21.51 -22.16
N TYR A 255 34.39 22.42 -21.38
CA TYR A 255 34.40 22.24 -19.94
C TYR A 255 32.98 22.27 -19.37
N ARG A 256 32.15 23.21 -19.83
CA ARG A 256 30.77 23.27 -19.36
C ARG A 256 30.00 22.02 -19.75
N PHE A 257 30.22 21.52 -20.97
CA PHE A 257 29.55 20.29 -21.39
C PHE A 257 29.97 19.11 -20.50
N VAL A 258 31.26 18.99 -20.22
CA VAL A 258 31.74 17.90 -19.37
C VAL A 258 31.14 18.03 -17.97
N ARG A 259 31.00 19.27 -17.48
CA ARG A 259 30.41 19.49 -16.16
C ARG A 259 28.92 19.13 -16.11
N SER A 260 28.28 18.91 -17.25
CA SER A 260 26.88 18.51 -17.23
C SER A 260 26.73 17.12 -16.62
N VAL A 261 25.59 16.91 -15.96
CA VAL A 261 25.33 15.62 -15.33
C VAL A 261 25.24 14.52 -16.36
N MET A 262 24.70 14.81 -17.54
CA MET A 262 24.49 13.76 -18.53
C MET A 262 25.80 13.29 -19.13
N SER A 263 26.77 14.19 -19.28
CA SER A 263 28.11 13.78 -19.69
C SER A 263 28.74 12.89 -18.62
N ILE A 264 28.45 13.17 -17.35
CA ILE A 264 28.92 12.30 -16.28
C ILE A 264 28.29 10.92 -16.40
N ILE A 265 27.00 10.86 -16.71
CA ILE A 265 26.34 9.58 -16.90
C ILE A 265 26.98 8.82 -18.05
N ASP A 266 27.25 9.51 -19.15
CA ASP A 266 27.90 8.86 -20.29
C ASP A 266 29.27 8.32 -19.90
N VAL A 267 30.11 9.15 -19.26
CA VAL A 267 31.46 8.72 -18.96
C VAL A 267 31.45 7.53 -17.99
N VAL A 268 30.55 7.56 -17.00
CA VAL A 268 30.45 6.45 -16.06
C VAL A 268 29.77 5.23 -16.67
N ALA A 269 29.10 5.40 -17.82
CA ALA A 269 28.54 4.25 -18.51
C ALA A 269 29.59 3.54 -19.36
N ILE A 270 30.47 4.30 -20.02
CA ILE A 270 31.45 3.66 -20.90
C ILE A 270 32.71 3.22 -20.17
N LEU A 271 33.23 4.01 -19.23
CA LEU A 271 34.47 3.62 -18.56
C LEU A 271 34.50 2.26 -17.87
N PRO A 272 33.39 1.69 -17.37
CA PRO A 272 33.48 0.32 -16.84
C PRO A 272 34.06 -0.69 -17.83
N TYR A 273 33.73 -0.58 -19.12
CA TYR A 273 34.29 -1.49 -20.12
C TYR A 273 35.81 -1.36 -20.20
N TYR A 274 36.32 -0.13 -20.25
CA TYR A 274 37.76 0.05 -20.37
C TYR A 274 38.47 -0.37 -19.09
N ILE A 275 37.85 -0.13 -17.93
CA ILE A 275 38.42 -0.56 -16.67
C ILE A 275 38.51 -2.08 -16.63
N GLY A 276 37.48 -2.77 -17.11
CA GLY A 276 37.55 -4.21 -17.22
C GLY A 276 38.64 -4.66 -18.19
N LEU A 277 38.85 -3.87 -19.25
CA LEU A 277 39.94 -4.18 -20.18
C LEU A 277 41.29 -4.12 -19.49
N VAL A 278 41.58 -3.00 -18.82
CA VAL A 278 42.90 -2.81 -18.21
C VAL A 278 43.16 -3.75 -17.04
N MET A 279 42.13 -4.41 -16.53
CA MET A 279 42.27 -5.39 -15.45
C MET A 279 42.18 -6.81 -15.96
N THR A 280 42.50 -7.05 -17.24
CA THR A 280 42.44 -8.40 -17.79
C THR A 280 43.48 -9.31 -17.13
N ASP A 281 44.59 -8.74 -16.67
CA ASP A 281 45.60 -9.54 -15.97
C ASP A 281 45.03 -10.13 -14.69
N ASN A 282 44.29 -9.33 -13.92
CA ASN A 282 43.62 -9.81 -12.71
C ASN A 282 42.19 -10.22 -13.07
N GLU A 283 42.09 -11.23 -13.93
CA GLU A 283 40.80 -11.70 -14.41
C GLU A 283 39.94 -12.29 -13.30
N ASP A 284 40.56 -12.77 -12.21
CA ASP A 284 39.83 -13.35 -11.10
C ASP A 284 39.37 -12.30 -10.09
N VAL A 285 39.26 -11.04 -10.51
CA VAL A 285 38.88 -9.97 -9.61
C VAL A 285 37.44 -10.15 -9.14
N SER A 286 37.21 -9.88 -7.86
CA SER A 286 35.88 -9.94 -7.26
C SER A 286 35.66 -8.69 -6.43
N GLY A 287 34.40 -8.33 -6.26
CA GLY A 287 34.01 -7.12 -5.54
C GLY A 287 34.06 -5.87 -6.39
N ALA A 288 35.12 -5.71 -7.18
CA ALA A 288 35.21 -4.62 -8.14
C ALA A 288 34.63 -5.00 -9.50
N PHE A 289 34.76 -6.27 -9.88
CA PHE A 289 34.16 -6.73 -11.14
C PHE A 289 32.64 -6.65 -11.07
N VAL A 290 32.05 -7.14 -9.98
CA VAL A 290 30.61 -7.05 -9.81
C VAL A 290 30.17 -5.60 -9.78
N THR A 291 30.98 -4.73 -9.16
CA THR A 291 30.63 -3.32 -9.10
C THR A 291 30.67 -2.67 -10.48
N LEU A 292 31.65 -3.04 -11.30
CA LEU A 292 31.68 -2.54 -12.68
C LEU A 292 30.48 -3.02 -13.48
N ARG A 293 30.14 -4.31 -13.34
CA ARG A 293 28.96 -4.81 -14.05
C ARG A 293 27.70 -4.09 -13.59
N VAL A 294 27.62 -3.74 -12.30
CA VAL A 294 26.52 -2.89 -11.84
C VAL A 294 26.56 -1.54 -12.55
N PHE A 295 27.73 -0.89 -12.57
CA PHE A 295 27.82 0.42 -13.18
C PHE A 295 27.46 0.40 -14.66
N ARG A 296 27.49 -0.77 -15.30
CA ARG A 296 27.00 -0.82 -16.67
C ARG A 296 25.50 -0.53 -16.76
N VAL A 297 24.78 -0.51 -15.65
CA VAL A 297 23.34 -0.21 -15.70
C VAL A 297 23.11 1.24 -16.07
N PHE A 298 24.13 2.10 -15.93
CA PHE A 298 23.98 3.53 -16.19
C PHE A 298 23.62 3.82 -17.64
N ARG A 299 23.80 2.86 -18.54
CA ARG A 299 23.42 3.08 -19.93
C ARG A 299 21.92 3.30 -20.08
N ILE A 300 21.12 2.84 -19.13
CA ILE A 300 19.67 3.02 -19.22
C ILE A 300 19.31 4.50 -19.14
N PHE A 301 20.07 5.27 -18.36
CA PHE A 301 19.73 6.66 -18.13
C PHE A 301 19.80 7.52 -19.38
N LYS A 302 20.41 7.00 -20.46
CA LYS A 302 20.41 7.69 -21.73
C LYS A 302 19.08 7.58 -22.47
N PHE A 303 18.21 6.66 -22.05
CA PHE A 303 16.85 6.63 -22.56
C PHE A 303 16.14 7.95 -22.29
N SER A 304 16.28 8.50 -21.08
CA SER A 304 15.69 9.79 -20.79
C SER A 304 16.34 10.91 -21.60
N ARG A 305 17.51 10.67 -22.18
CA ARG A 305 18.01 11.55 -23.21
C ARG A 305 17.28 11.33 -24.52
N HIS A 306 16.84 10.09 -24.76
CA HIS A 306 16.10 9.80 -25.99
C HIS A 306 14.60 9.96 -25.82
N SER A 307 14.04 9.47 -24.71
CA SER A 307 12.64 9.72 -24.38
C SER A 307 12.52 11.02 -23.57
N GLN A 308 13.06 12.08 -24.17
CA GLN A 308 13.22 13.38 -23.53
C GLN A 308 11.93 14.21 -23.58
N GLY A 309 10.80 13.55 -23.80
CA GLY A 309 9.51 14.21 -23.76
C GLY A 309 9.34 15.08 -22.53
N LEU A 310 8.51 16.12 -22.64
CA LEU A 310 8.41 17.15 -21.62
C LEU A 310 8.26 16.54 -20.22
N ARG A 311 9.25 16.80 -19.37
CA ARG A 311 9.29 16.23 -18.03
C ARG A 311 8.36 16.98 -17.08
N ILE A 312 7.05 16.92 -17.40
CA ILE A 312 6.06 17.48 -16.51
C ILE A 312 6.10 16.79 -15.17
N LEU A 313 6.22 15.45 -15.17
CA LEU A 313 6.40 14.73 -13.92
C LEU A 313 7.74 15.05 -13.28
N GLY A 314 8.80 15.16 -14.07
CA GLY A 314 10.09 15.57 -13.52
C GLY A 314 10.05 16.98 -12.95
N TYR A 315 9.41 17.90 -13.66
CA TYR A 315 9.30 19.27 -13.15
C TYR A 315 8.48 19.33 -11.87
N THR A 316 7.41 18.54 -11.80
CA THR A 316 6.61 18.50 -10.57
C THR A 316 7.39 17.87 -9.42
N LEU A 317 8.20 16.84 -9.72
CA LEU A 317 9.03 16.24 -8.69
C LEU A 317 10.03 17.26 -8.15
N LYS A 318 10.61 18.06 -9.04
CA LYS A 318 11.47 19.16 -8.59
C LYS A 318 10.68 20.20 -7.82
N SER A 319 9.40 20.38 -8.16
CA SER A 319 8.56 21.35 -7.45
C SER A 319 8.32 20.92 -6.01
N CYS A 320 8.37 19.61 -5.74
CA CYS A 320 8.16 19.07 -4.41
C CYS A 320 9.47 18.68 -3.73
N ALA A 321 10.61 19.17 -4.23
CA ALA A 321 11.91 18.72 -3.71
C ALA A 321 12.06 19.02 -2.23
N SER A 322 11.60 20.20 -1.78
CA SER A 322 11.66 20.50 -0.36
C SER A 322 10.78 19.56 0.45
N GLU A 323 9.57 19.29 -0.04
CA GLU A 323 8.68 18.38 0.66
C GLU A 323 9.26 16.97 0.73
N LEU A 324 9.85 16.51 -0.38
CA LEU A 324 10.46 15.17 -0.37
C LEU A 324 11.67 15.13 0.58
N GLY A 325 12.49 16.17 0.60
CA GLY A 325 13.61 16.18 1.52
C GLY A 325 13.17 16.14 2.97
N PHE A 326 12.17 16.95 3.31
CA PHE A 326 11.63 16.92 4.67
C PHE A 326 11.02 15.57 4.99
N LEU A 327 10.32 14.97 4.03
CA LEU A 327 9.72 13.66 4.27
C LEU A 327 10.78 12.60 4.51
N LEU A 328 11.88 12.63 3.76
CA LEU A 328 12.97 11.70 4.02
C LEU A 328 13.61 11.93 5.38
N PHE A 329 13.78 13.18 5.80
CA PHE A 329 14.35 13.40 7.13
C PHE A 329 13.42 12.88 8.23
N SER A 330 12.13 13.17 8.12
CA SER A 330 11.18 12.66 9.10
C SER A 330 11.11 11.14 9.06
N LEU A 331 11.23 10.56 7.88
CA LEU A 331 11.24 9.12 7.75
C LEU A 331 12.46 8.51 8.42
N THR A 332 13.62 9.16 8.29
CA THR A 332 14.82 8.67 8.98
C THR A 332 14.63 8.73 10.49
N MET A 333 14.09 9.83 10.99
CA MET A 333 13.83 9.94 12.43
C MET A 333 12.89 8.83 12.90
N ALA A 334 11.77 8.66 12.19
CA ALA A 334 10.79 7.65 12.58
C ALA A 334 11.38 6.25 12.50
N ILE A 335 12.20 5.98 11.48
CA ILE A 335 12.81 4.67 11.33
C ILE A 335 13.72 4.38 12.51
N ILE A 336 14.54 5.36 12.91
CA ILE A 336 15.45 5.13 14.03
C ILE A 336 14.67 4.91 15.32
N ILE A 337 13.63 5.72 15.54
CA ILE A 337 12.85 5.60 16.77
C ILE A 337 12.16 4.25 16.85
N PHE A 338 11.46 3.88 15.77
CA PHE A 338 10.72 2.62 15.77
C PHE A 338 11.66 1.43 15.80
N ALA A 339 12.83 1.54 15.17
CA ALA A 339 13.80 0.45 15.22
C ALA A 339 14.33 0.25 16.63
N THR A 340 14.63 1.35 17.33
CA THR A 340 15.05 1.23 18.72
C THR A 340 13.97 0.54 19.55
N VAL A 341 12.73 1.00 19.41
CA VAL A 341 11.64 0.43 20.21
C VAL A 341 11.45 -1.04 19.89
N MET A 342 11.43 -1.41 18.61
CA MET A 342 11.22 -2.81 18.24
C MET A 342 12.37 -3.69 18.67
N PHE A 343 13.61 -3.23 18.52
CA PHE A 343 14.74 -4.04 18.95
C PHE A 343 14.67 -4.31 20.44
N TYR A 344 14.36 -3.29 21.23
CA TYR A 344 14.32 -3.52 22.68
C TYR A 344 13.08 -4.30 23.10
N ALA A 345 12.01 -4.23 22.33
CA ALA A 345 10.85 -5.08 22.59
C ALA A 345 11.05 -6.51 22.17
N GLU A 346 11.99 -6.79 21.26
CA GLU A 346 12.11 -8.11 20.67
C GLU A 346 13.52 -8.67 20.68
N LYS A 347 14.44 -8.07 21.43
CA LYS A 347 15.79 -8.62 21.51
C LYS A 347 15.82 -9.98 22.20
N GLY A 348 14.82 -10.26 23.03
CA GLY A 348 14.84 -11.45 23.85
C GLY A 348 14.04 -12.63 23.37
N SER A 349 13.31 -12.51 22.26
CA SER A 349 12.50 -13.61 21.78
C SER A 349 13.38 -14.78 21.35
N SER A 350 12.75 -15.93 21.17
CA SER A 350 13.47 -17.14 20.79
C SER A 350 13.85 -17.06 19.31
N ALA A 351 15.14 -17.27 19.02
CA ALA A 351 15.67 -17.20 17.65
C ALA A 351 15.28 -15.90 16.98
N SER A 352 15.39 -14.80 17.74
CA SER A 352 14.91 -13.52 17.26
C SER A 352 15.74 -13.01 16.10
N LYS A 353 15.08 -12.41 15.12
CA LYS A 353 15.75 -11.75 14.02
C LYS A 353 16.08 -10.30 14.30
N PHE A 354 15.60 -9.75 15.43
CA PHE A 354 15.93 -8.39 15.83
C PHE A 354 17.20 -8.42 16.67
N THR A 355 18.30 -8.77 16.01
CA THR A 355 19.56 -8.95 16.71
C THR A 355 20.25 -7.62 17.02
N SER A 356 19.81 -6.53 16.42
CA SER A 356 20.40 -5.22 16.67
C SER A 356 19.45 -4.16 16.14
N ILE A 357 19.71 -2.91 16.53
CA ILE A 357 18.92 -1.79 16.00
C ILE A 357 19.09 -1.65 14.50
N PRO A 358 20.30 -1.72 13.93
CA PRO A 358 20.39 -1.76 12.46
C PRO A 358 19.68 -2.95 11.85
N ALA A 359 19.60 -4.08 12.56
CA ALA A 359 18.82 -5.21 12.05
C ALA A 359 17.34 -4.88 12.03
N ALA A 360 16.87 -4.11 13.00
CA ALA A 360 15.47 -3.69 13.02
C ALA A 360 15.20 -2.53 12.07
N PHE A 361 16.25 -1.88 11.56
CA PHE A 361 16.04 -0.91 10.48
C PHE A 361 15.30 -1.54 9.31
N TRP A 362 15.64 -2.78 8.99
CA TRP A 362 15.00 -3.47 7.88
C TRP A 362 13.52 -3.68 8.14
N TYR A 363 13.18 -4.17 9.33
CA TYR A 363 11.77 -4.36 9.67
C TYR A 363 11.03 -3.02 9.63
N THR A 364 11.63 -1.96 10.16
CA THR A 364 10.94 -0.69 10.22
C THR A 364 10.72 -0.10 8.83
N ILE A 365 11.72 -0.17 7.96
CA ILE A 365 11.55 0.39 6.62
C ILE A 365 10.56 -0.45 5.83
N VAL A 366 10.54 -1.77 6.03
CA VAL A 366 9.57 -2.61 5.32
C VAL A 366 8.16 -2.34 5.83
N THR A 367 8.00 -2.13 7.13
CA THR A 367 6.67 -1.92 7.70
C THR A 367 6.13 -0.54 7.36
N MET A 368 6.97 0.50 7.41
CA MET A 368 6.52 1.86 7.17
C MET A 368 6.24 2.13 5.70
N THR A 369 6.59 1.23 4.79
CA THR A 369 6.24 1.36 3.39
C THR A 369 5.09 0.44 3.00
N THR A 370 4.52 -0.28 3.97
CA THR A 370 3.44 -1.23 3.76
C THR A 370 3.82 -2.32 2.75
N LEU A 371 5.08 -2.75 2.79
CA LEU A 371 5.44 -4.01 2.14
C LEU A 371 5.01 -5.20 2.97
N GLY A 372 5.57 -5.31 4.17
CA GLY A 372 5.33 -6.49 4.97
C GLY A 372 5.76 -7.74 4.24
N TYR A 373 7.06 -7.89 3.99
CA TYR A 373 7.54 -9.16 3.47
C TYR A 373 7.13 -10.30 4.38
N GLY A 374 7.31 -10.14 5.69
CA GLY A 374 6.98 -11.16 6.65
C GLY A 374 8.14 -11.99 7.12
N ASP A 375 9.36 -11.70 6.65
CA ASP A 375 10.53 -12.41 7.15
C ASP A 375 10.85 -12.00 8.58
N MET A 376 10.82 -10.70 8.86
CA MET A 376 10.92 -10.20 10.23
C MET A 376 9.54 -9.71 10.65
N VAL A 377 8.92 -10.45 11.55
CA VAL A 377 7.63 -10.04 12.12
C VAL A 377 7.77 -10.07 13.64
N PRO A 378 7.08 -9.19 14.36
CA PRO A 378 7.14 -9.24 15.82
C PRO A 378 6.49 -10.48 16.38
N LYS A 379 6.99 -10.93 17.52
CA LYS A 379 6.46 -12.11 18.20
C LYS A 379 6.07 -11.86 19.64
N THR A 380 6.22 -10.64 20.14
CA THR A 380 5.85 -10.30 21.50
C THR A 380 4.69 -9.31 21.47
N ILE A 381 3.97 -9.22 22.59
CA ILE A 381 2.82 -8.33 22.67
C ILE A 381 3.25 -6.88 22.51
N ALA A 382 4.34 -6.50 23.19
CA ALA A 382 4.88 -5.16 23.02
C ALA A 382 5.38 -4.96 21.58
N GLY A 383 6.05 -5.96 21.04
CA GLY A 383 6.50 -5.87 19.67
C GLY A 383 5.36 -5.70 18.69
N LYS A 384 4.25 -6.40 18.92
CA LYS A 384 3.11 -6.28 18.03
C LYS A 384 2.41 -4.94 18.18
N ILE A 385 2.34 -4.42 19.40
CA ILE A 385 1.76 -3.09 19.60
C ILE A 385 2.55 -2.03 18.85
N PHE A 386 3.88 -2.06 19.01
CA PHE A 386 4.69 -1.05 18.34
C PHE A 386 4.77 -1.29 16.84
N GLY A 387 4.63 -2.54 16.39
CA GLY A 387 4.51 -2.80 14.97
C GLY A 387 3.22 -2.24 14.40
N SER A 388 2.15 -2.25 15.19
CA SER A 388 0.89 -1.63 14.76
C SER A 388 1.03 -0.12 14.65
N ILE A 389 1.69 0.50 15.64
CA ILE A 389 1.96 1.94 15.54
C ILE A 389 2.79 2.24 14.30
N CYS A 390 3.80 1.41 14.04
CA CYS A 390 4.63 1.57 12.84
C CYS A 390 3.79 1.41 11.57
N SER A 391 2.86 0.46 11.57
CA SER A 391 2.01 0.24 10.40
C SER A 391 1.15 1.46 10.10
N LEU A 392 0.56 2.05 11.14
CA LEU A 392 -0.24 3.26 10.92
C LEU A 392 0.62 4.42 10.42
N SER A 393 1.81 4.60 11.02
CA SER A 393 2.72 5.61 10.50
C SER A 393 3.08 5.32 9.04
N GLY A 394 3.17 4.05 8.67
CA GLY A 394 3.44 3.70 7.29
C GLY A 394 2.29 4.03 6.36
N VAL A 395 1.06 3.86 6.84
CA VAL A 395 -0.10 4.30 6.06
C VAL A 395 -0.01 5.79 5.79
N LEU A 396 0.31 6.57 6.81
CA LEU A 396 0.49 8.01 6.61
C LEU A 396 1.61 8.28 5.60
N VAL A 397 2.73 7.57 5.72
CA VAL A 397 3.87 7.79 4.82
C VAL A 397 3.46 7.54 3.37
N ILE A 398 2.82 6.40 3.12
CA ILE A 398 2.47 6.05 1.74
C ILE A 398 1.36 6.95 1.21
N ALA A 399 0.56 7.53 2.11
CA ALA A 399 -0.60 8.29 1.65
C ALA A 399 -0.32 9.77 1.43
N LEU A 400 0.62 10.37 2.15
CA LEU A 400 0.81 11.82 2.05
C LEU A 400 1.14 12.35 0.65
N PRO A 401 2.09 11.78 -0.10
CA PRO A 401 2.54 12.47 -1.33
C PRO A 401 1.49 12.59 -2.42
N VAL A 402 0.38 11.84 -2.36
CA VAL A 402 -0.53 11.79 -3.50
C VAL A 402 -1.21 13.13 -3.77
N PRO A 403 -1.91 13.76 -2.81
CA PRO A 403 -2.50 15.08 -3.11
C PRO A 403 -1.47 16.14 -3.45
N VAL A 404 -0.29 16.08 -2.83
CA VAL A 404 0.77 17.04 -3.14
C VAL A 404 1.14 16.96 -4.61
N ILE A 405 1.43 15.74 -5.09
CA ILE A 405 1.83 15.56 -6.47
C ILE A 405 0.69 15.89 -7.41
N VAL A 406 -0.55 15.57 -7.02
CA VAL A 406 -1.69 15.86 -7.88
C VAL A 406 -1.85 17.36 -8.09
N SER A 407 -1.81 18.12 -6.99
CA SER A 407 -1.96 19.57 -7.10
C SER A 407 -0.79 20.17 -7.88
N ASN A 408 0.44 19.73 -7.61
CA ASN A 408 1.58 20.28 -8.33
C ASN A 408 1.51 19.96 -9.81
N PHE A 409 1.09 18.75 -10.15
CA PHE A 409 0.96 18.37 -11.56
C PHE A 409 -0.10 19.21 -12.25
N SER A 410 -1.24 19.43 -11.60
CA SER A 410 -2.27 20.28 -12.19
C SER A 410 -1.74 21.69 -12.43
N ARG A 411 -1.05 22.24 -11.43
CA ARG A 411 -0.53 23.60 -11.56
C ARG A 411 0.47 23.69 -12.70
N ILE A 412 1.42 22.76 -12.77
CA ILE A 412 2.44 22.81 -13.81
C ILE A 412 1.85 22.59 -15.19
N TYR A 413 0.87 21.68 -15.31
CA TYR A 413 0.23 21.46 -16.61
C TYR A 413 -0.47 22.74 -17.07
N HIS A 414 -1.16 23.42 -16.16
CA HIS A 414 -1.82 24.66 -16.53
C HIS A 414 -0.81 25.74 -16.91
N GLN A 415 0.30 25.83 -16.17
CA GLN A 415 1.35 26.78 -16.54
C GLN A 415 1.89 26.49 -17.93
N ASN A 416 2.09 25.21 -18.25
CA ASN A 416 2.64 24.86 -19.56
C ASN A 416 1.65 25.14 -20.68
N GLN A 417 0.36 24.91 -20.42
CA GLN A 417 -0.64 25.28 -21.43
C GLN A 417 -0.70 26.78 -21.64
N ARG A 418 -0.58 27.56 -20.55
CA ARG A 418 -0.56 29.01 -20.69
C ARG A 418 0.68 29.47 -21.44
N ALA A 419 1.83 28.83 -21.21
CA ALA A 419 3.01 29.14 -21.99
C ALA A 419 2.82 28.76 -23.46
N ASP A 420 2.11 27.66 -23.72
CA ASP A 420 1.82 27.27 -25.10
C ASP A 420 0.99 28.33 -25.80
N LYS A 421 -0.10 28.76 -25.17
CA LYS A 421 -0.92 29.82 -25.77
C LYS A 421 -0.17 31.15 -25.79
N ARG A 422 0.87 31.31 -24.96
CA ARG A 422 1.72 32.48 -25.04
C ARG A 422 2.57 32.46 -26.31
N ARG A 423 3.15 31.28 -26.63
CA ARG A 423 3.98 31.19 -27.82
C ARG A 423 3.16 31.16 -29.10
N ALA A 424 1.85 31.04 -28.99
CA ALA A 424 0.98 31.07 -30.17
C ALA A 424 0.19 32.37 -30.23
N THR B 166 21.00 42.80 31.92
CA THR B 166 20.58 42.42 30.58
C THR B 166 21.43 41.27 30.04
N ALA B 167 22.09 40.57 30.96
CA ALA B 167 22.92 39.44 30.54
C ALA B 167 22.10 38.16 30.40
N ARG B 168 21.26 37.86 31.39
CA ARG B 168 20.46 36.64 31.34
C ARG B 168 19.52 36.65 30.15
N GLN B 169 18.87 37.78 29.87
CA GLN B 169 17.98 37.84 28.72
C GLN B 169 18.75 37.79 27.41
N ARG B 170 19.96 38.32 27.38
CA ARG B 170 20.80 38.17 26.19
C ARG B 170 21.13 36.70 25.95
N VAL B 171 21.48 35.97 27.00
CA VAL B 171 21.75 34.55 26.87
C VAL B 171 20.50 33.80 26.41
N TRP B 172 19.34 34.17 26.97
CA TRP B 172 18.09 33.50 26.61
C TRP B 172 17.75 33.74 25.15
N ARG B 173 17.92 34.96 24.66
CA ARG B 173 17.62 35.23 23.27
C ARG B 173 18.66 34.61 22.34
N ALA B 174 19.89 34.44 22.83
CA ALA B 174 20.87 33.68 22.06
C ALA B 174 20.45 32.22 21.95
N PHE B 175 19.90 31.66 23.03
CA PHE B 175 19.36 30.31 22.97
C PHE B 175 18.21 30.22 21.97
N GLU B 176 17.26 31.15 22.06
CA GLU B 176 16.12 31.13 21.13
C GLU B 176 16.57 31.38 19.70
N ASN B 177 17.51 32.29 19.50
CA ASN B 177 17.87 32.80 18.18
C ASN B 177 19.37 32.58 17.97
N PRO B 178 19.78 31.35 17.66
CA PRO B 178 21.22 31.06 17.54
C PRO B 178 21.90 31.83 16.43
N HIS B 179 21.19 32.19 15.36
CA HIS B 179 21.83 32.86 14.23
C HIS B 179 22.23 34.30 14.55
N THR B 180 21.76 34.85 15.67
CA THR B 180 22.12 36.22 16.01
C THR B 180 23.59 36.33 16.39
N SER B 181 24.01 35.64 17.44
CA SER B 181 25.39 35.67 17.90
C SER B 181 26.15 34.50 17.31
N THR B 182 27.37 34.76 16.82
CA THR B 182 28.18 33.70 16.24
C THR B 182 28.60 32.68 17.29
N MET B 183 28.90 33.14 18.51
CA MET B 183 29.17 32.22 19.60
C MET B 183 27.95 31.37 19.91
N ALA B 184 26.76 31.97 19.88
CA ALA B 184 25.53 31.21 20.06
C ALA B 184 25.37 30.18 18.95
N LEU B 185 25.71 30.54 17.71
CA LEU B 185 25.61 29.61 16.61
C LEU B 185 26.59 28.44 16.79
N VAL B 186 27.79 28.74 17.27
CA VAL B 186 28.79 27.70 17.52
C VAL B 186 28.28 26.74 18.58
N PHE B 187 27.74 27.29 19.67
CA PHE B 187 27.19 26.43 20.74
C PHE B 187 26.02 25.61 20.23
N TYR B 188 25.20 26.20 19.36
CA TYR B 188 24.08 25.50 18.74
C TYR B 188 24.56 24.31 17.91
N TYR B 189 25.53 24.53 17.04
CA TYR B 189 26.01 23.45 16.19
C TYR B 189 26.74 22.40 17.01
N VAL B 190 27.41 22.81 18.09
CA VAL B 190 28.10 21.84 18.94
C VAL B 190 27.09 20.93 19.63
N THR B 191 26.02 21.51 20.20
CA THR B 191 25.03 20.66 20.85
C THR B 191 24.28 19.79 19.85
N GLY B 192 24.05 20.29 18.63
CA GLY B 192 23.45 19.44 17.61
C GLY B 192 24.34 18.28 17.23
N PHE B 193 25.64 18.53 17.08
CA PHE B 193 26.58 17.47 16.78
C PHE B 193 26.62 16.43 17.89
N PHE B 194 26.56 16.89 19.14
CA PHE B 194 26.57 15.94 20.25
C PHE B 194 25.28 15.14 20.31
N ILE B 195 24.15 15.75 19.93
CA ILE B 195 22.90 15.01 19.84
C ILE B 195 23.03 13.89 18.81
N ALA B 196 23.57 14.22 17.63
CA ALA B 196 23.75 13.21 16.59
C ALA B 196 24.71 12.13 17.03
N VAL B 197 25.77 12.50 17.73
CA VAL B 197 26.73 11.52 18.22
C VAL B 197 26.09 10.58 19.23
N SER B 198 25.29 11.12 20.15
CA SER B 198 24.62 10.25 21.12
C SER B 198 23.65 9.30 20.45
N VAL B 199 22.92 9.79 19.44
CA VAL B 199 21.98 8.93 18.73
C VAL B 199 22.72 7.80 18.03
N ILE B 200 23.82 8.13 17.34
CA ILE B 200 24.57 7.10 16.62
C ILE B 200 25.21 6.13 17.60
N ALA B 201 25.67 6.61 18.76
CA ALA B 201 26.24 5.72 19.74
C ALA B 201 25.20 4.75 20.29
N ASN B 202 23.99 5.24 20.54
CA ASN B 202 22.92 4.35 20.97
C ASN B 202 22.63 3.29 19.91
N VAL B 203 22.62 3.69 18.64
CA VAL B 203 22.31 2.73 17.58
C VAL B 203 23.43 1.71 17.43
N VAL B 204 24.68 2.14 17.56
CA VAL B 204 25.81 1.28 17.26
C VAL B 204 26.15 0.36 18.43
N GLU B 205 25.85 0.79 19.66
CA GLU B 205 26.26 -0.03 20.80
C GLU B 205 25.50 -1.35 20.86
N THR B 206 24.45 -1.51 20.06
CA THR B 206 23.71 -2.77 20.02
C THR B 206 24.22 -3.73 18.96
N VAL B 207 25.07 -3.26 18.03
CA VAL B 207 25.57 -4.09 16.95
C VAL B 207 26.50 -5.15 17.53
N PRO B 208 26.35 -6.42 17.15
CA PRO B 208 27.33 -7.43 17.58
C PRO B 208 28.72 -7.10 17.04
N CYS B 209 29.71 -7.17 17.92
CA CYS B 209 31.07 -6.81 17.53
C CYS B 209 31.61 -7.79 16.49
N GLY B 210 31.28 -9.07 16.62
CA GLY B 210 31.74 -10.06 15.66
C GLY B 210 33.06 -10.67 16.05
N SER B 211 33.10 -11.99 16.19
CA SER B 211 34.30 -12.72 16.61
C SER B 211 34.85 -12.16 17.92
N SER B 212 34.03 -12.28 18.96
CA SER B 212 34.41 -11.74 20.25
C SER B 212 35.69 -12.41 20.77
N PRO B 213 36.67 -11.65 21.22
CA PRO B 213 37.92 -12.26 21.71
C PRO B 213 37.69 -13.00 23.01
N GLY B 214 37.95 -14.31 22.98
CA GLY B 214 37.79 -15.13 24.16
C GLY B 214 36.36 -15.48 24.52
N HIS B 215 35.40 -15.16 23.66
CA HIS B 215 34.00 -15.47 23.91
C HIS B 215 33.40 -16.13 22.69
N ILE B 216 32.65 -17.21 22.91
CA ILE B 216 32.03 -17.92 21.80
C ILE B 216 30.96 -17.06 21.13
N LYS B 217 30.08 -16.45 21.92
CA LYS B 217 29.04 -15.59 21.38
C LYS B 217 29.57 -14.17 21.17
N GLU B 218 29.19 -13.57 20.04
CA GLU B 218 29.64 -12.22 19.70
C GLU B 218 28.88 -11.24 20.57
N LEU B 219 29.61 -10.52 21.41
CA LEU B 219 28.99 -9.53 22.29
C LEU B 219 28.66 -8.26 21.50
N PRO B 220 27.65 -7.51 21.94
CA PRO B 220 27.40 -6.21 21.33
C PRO B 220 28.56 -5.26 21.60
N CYS B 221 28.73 -4.29 20.70
CA CYS B 221 29.79 -3.31 20.87
C CYS B 221 29.61 -2.51 22.15
N GLY B 222 28.37 -2.39 22.63
CA GLY B 222 28.16 -1.69 23.89
C GLY B 222 28.53 -2.54 25.09
N GLU B 223 28.83 -3.81 24.86
CA GLU B 223 29.31 -4.69 25.92
C GLU B 223 30.79 -5.01 25.78
N ARG B 224 31.30 -5.07 24.55
CA ARG B 224 32.74 -5.21 24.35
C ARG B 224 33.47 -3.97 24.85
N TYR B 225 32.89 -2.79 24.66
CA TYR B 225 33.52 -1.54 25.04
C TYR B 225 32.60 -0.74 25.96
N ALA B 226 32.08 -1.40 27.01
CA ALA B 226 31.13 -0.75 27.90
C ALA B 226 31.73 0.49 28.54
N VAL B 227 33.04 0.48 28.80
CA VAL B 227 33.69 1.64 29.39
C VAL B 227 33.70 2.81 28.41
N ALA B 228 34.13 2.55 27.18
CA ALA B 228 34.21 3.63 26.18
C ALA B 228 32.83 4.17 25.86
N PHE B 229 31.84 3.29 25.69
CA PHE B 229 30.49 3.76 25.39
C PHE B 229 29.89 4.49 26.58
N PHE B 230 30.20 4.06 27.81
CA PHE B 230 29.72 4.80 28.97
C PHE B 230 30.35 6.19 29.04
N CYS B 231 31.64 6.29 28.72
CA CYS B 231 32.29 7.59 28.74
C CYS B 231 31.70 8.52 27.69
N LEU B 232 31.46 8.01 26.47
CA LEU B 232 30.85 8.83 25.44
C LEU B 232 29.44 9.25 25.83
N ASP B 233 28.66 8.30 26.37
CA ASP B 233 27.31 8.60 26.80
C ASP B 233 27.29 9.66 27.89
N THR B 234 28.17 9.54 28.88
CA THR B 234 28.18 10.50 29.97
C THR B 234 28.69 11.86 29.50
N ALA B 235 29.58 11.89 28.50
CA ALA B 235 29.95 13.17 27.91
C ALA B 235 28.75 13.86 27.29
N CYS B 236 28.00 13.12 26.47
CA CYS B 236 26.81 13.71 25.84
C CYS B 236 25.79 14.13 26.88
N VAL B 237 25.63 13.33 27.94
CA VAL B 237 24.64 13.63 28.97
C VAL B 237 25.06 14.86 29.79
N MET B 238 26.34 14.99 30.11
CA MET B 238 26.80 16.20 30.79
C MET B 238 26.59 17.44 29.92
N ILE B 239 26.87 17.34 28.62
CA ILE B 239 26.61 18.48 27.74
C ILE B 239 25.12 18.84 27.76
N PHE B 240 24.25 17.83 27.65
CA PHE B 240 22.83 18.11 27.63
C PHE B 240 22.35 18.69 28.95
N THR B 241 22.84 18.15 30.08
CA THR B 241 22.44 18.66 31.38
C THR B 241 22.89 20.10 31.58
N VAL B 242 24.11 20.42 31.19
CA VAL B 242 24.60 21.79 31.32
C VAL B 242 23.78 22.72 30.43
N GLU B 243 23.49 22.29 29.20
CA GLU B 243 22.72 23.12 28.29
C GLU B 243 21.32 23.38 28.82
N TYR B 244 20.70 22.35 29.41
CA TYR B 244 19.38 22.54 30.00
C TYR B 244 19.44 23.44 31.22
N LEU B 245 20.50 23.33 32.03
CA LEU B 245 20.60 24.20 33.19
C LEU B 245 20.76 25.66 32.80
N LEU B 246 21.57 25.95 31.77
CA LEU B 246 21.62 27.31 31.25
C LEU B 246 20.29 27.75 30.68
N ARG B 247 19.58 26.87 29.97
CA ARG B 247 18.26 27.24 29.46
C ARG B 247 17.29 27.55 30.61
N LEU B 248 17.47 26.87 31.75
CA LEU B 248 16.61 27.12 32.89
C LEU B 248 16.97 28.44 33.57
N ALA B 249 18.27 28.73 33.68
CA ALA B 249 18.69 29.96 34.34
C ALA B 249 18.34 31.19 33.51
N ALA B 250 18.58 31.13 32.20
CA ALA B 250 18.34 32.29 31.35
C ALA B 250 16.86 32.49 31.03
N ALA B 251 16.02 31.49 31.26
CA ALA B 251 14.61 31.62 30.93
C ALA B 251 13.95 32.63 31.85
N PRO B 252 13.11 33.53 31.32
CA PRO B 252 12.41 34.50 32.19
C PRO B 252 11.44 33.82 33.15
N SER B 253 10.53 33.01 32.61
CA SER B 253 9.54 32.29 33.41
C SER B 253 9.99 30.83 33.47
N ARG B 254 10.58 30.46 34.60
CA ARG B 254 11.06 29.08 34.77
C ARG B 254 9.91 28.09 34.72
N TYR B 255 8.81 28.39 35.39
CA TYR B 255 7.67 27.48 35.38
C TYR B 255 7.11 27.29 33.98
N ARG B 256 6.87 28.39 33.27
CA ARG B 256 6.33 28.29 31.91
C ARG B 256 7.33 27.62 30.97
N PHE B 257 8.61 27.96 31.11
CA PHE B 257 9.63 27.34 30.25
C PHE B 257 9.68 25.84 30.47
N VAL B 258 9.63 25.39 31.73
CA VAL B 258 9.56 23.96 31.99
C VAL B 258 8.29 23.38 31.38
N ARG B 259 7.20 24.14 31.40
CA ARG B 259 5.97 23.66 30.79
C ARG B 259 6.05 23.59 29.27
N SER B 260 7.04 24.25 28.65
CA SER B 260 7.18 24.18 27.20
C SER B 260 7.63 22.79 26.77
N VAL B 261 7.01 22.29 25.69
CA VAL B 261 7.12 20.88 25.35
C VAL B 261 8.58 20.49 25.08
N MET B 262 9.36 21.41 24.52
CA MET B 262 10.76 21.11 24.28
C MET B 262 11.50 20.85 25.59
N SER B 263 11.14 21.56 26.65
CA SER B 263 11.75 21.30 27.96
C SER B 263 11.38 19.92 28.47
N ILE B 264 10.13 19.50 28.29
CA ILE B 264 9.76 18.14 28.69
C ILE B 264 10.56 17.11 27.90
N ILE B 265 10.74 17.35 26.59
CA ILE B 265 11.53 16.42 25.78
C ILE B 265 12.96 16.34 26.32
N ASP B 266 13.55 17.49 26.62
CA ASP B 266 14.90 17.51 27.17
C ASP B 266 14.98 16.75 28.48
N VAL B 267 14.00 16.95 29.36
CA VAL B 267 14.00 16.31 30.68
C VAL B 267 13.87 14.80 30.52
N VAL B 268 12.93 14.34 29.69
CA VAL B 268 12.71 12.91 29.55
C VAL B 268 13.87 12.25 28.81
N ALA B 269 14.64 13.01 28.04
CA ALA B 269 15.84 12.47 27.43
C ALA B 269 17.03 12.48 28.38
N ILE B 270 17.04 13.39 29.35
CA ILE B 270 18.23 13.56 30.18
C ILE B 270 18.21 12.69 31.44
N LEU B 271 17.05 12.53 32.09
CA LEU B 271 17.03 11.67 33.29
C LEU B 271 17.46 10.22 33.10
N PRO B 272 17.08 9.50 32.04
CA PRO B 272 17.44 8.06 31.97
C PRO B 272 18.87 7.74 32.39
N TYR B 273 19.84 8.57 32.03
CA TYR B 273 21.21 8.34 32.47
C TYR B 273 21.32 8.42 33.99
N TYR B 274 20.72 9.44 34.60
CA TYR B 274 20.79 9.58 36.05
C TYR B 274 20.02 8.49 36.77
N ILE B 275 18.89 8.07 36.21
CA ILE B 275 18.13 6.95 36.76
C ILE B 275 18.98 5.69 36.75
N GLY B 276 19.71 5.45 35.65
CA GLY B 276 20.65 4.35 35.63
C GLY B 276 21.77 4.52 36.64
N LEU B 277 22.16 5.77 36.90
CA LEU B 277 23.20 6.04 37.88
C LEU B 277 22.77 5.63 39.29
N VAL B 278 21.68 6.23 39.79
CA VAL B 278 21.23 5.97 41.14
C VAL B 278 20.76 4.53 41.35
N MET B 279 20.61 3.78 40.26
CA MET B 279 20.12 2.41 40.30
C MET B 279 21.28 1.41 40.19
N THR B 280 22.52 1.88 40.28
CA THR B 280 23.70 1.02 40.15
C THR B 280 23.73 -0.07 41.21
N ASP B 281 23.04 0.11 42.34
CA ASP B 281 22.94 -0.97 43.32
C ASP B 281 22.21 -2.18 42.74
N ASN B 282 21.13 -1.93 41.99
CA ASN B 282 20.38 -3.00 41.34
C ASN B 282 20.85 -3.21 39.90
N GLU B 283 22.14 -3.52 39.77
CA GLU B 283 22.73 -3.75 38.45
C GLU B 283 22.23 -5.03 37.80
N ASP B 284 21.56 -5.91 38.55
CA ASP B 284 21.04 -7.16 38.03
C ASP B 284 19.56 -7.07 37.66
N VAL B 285 19.10 -5.91 37.19
CA VAL B 285 17.69 -5.72 36.90
C VAL B 285 17.33 -6.39 35.57
N SER B 286 16.05 -6.74 35.44
CA SER B 286 15.49 -7.21 34.19
C SER B 286 14.29 -6.34 33.82
N GLY B 287 14.27 -5.87 32.59
CA GLY B 287 13.15 -5.08 32.09
C GLY B 287 13.23 -3.57 32.22
N ALA B 288 13.57 -3.09 33.43
CA ALA B 288 13.64 -1.65 33.65
C ALA B 288 14.76 -1.03 32.83
N PHE B 289 15.92 -1.70 32.74
CA PHE B 289 17.00 -1.19 31.92
C PHE B 289 16.58 -1.08 30.45
N VAL B 290 15.77 -2.03 29.98
CA VAL B 290 15.23 -1.95 28.63
C VAL B 290 14.41 -0.68 28.46
N THR B 291 13.56 -0.37 29.45
CA THR B 291 12.73 0.82 29.35
C THR B 291 13.58 2.09 29.35
N LEU B 292 14.62 2.15 30.19
CA LEU B 292 15.49 3.32 30.19
C LEU B 292 16.22 3.46 28.87
N ARG B 293 16.75 2.36 28.32
CA ARG B 293 17.47 2.43 27.06
C ARG B 293 16.54 2.81 25.92
N VAL B 294 15.26 2.42 26.00
CA VAL B 294 14.28 2.91 25.03
C VAL B 294 14.09 4.41 25.20
N PHE B 295 13.91 4.87 26.44
CA PHE B 295 13.69 6.30 26.65
C PHE B 295 14.88 7.13 26.21
N ARG B 296 16.06 6.51 26.08
CA ARG B 296 17.19 7.22 25.51
C ARG B 296 16.97 7.63 24.06
N VAL B 297 15.98 7.06 23.37
CA VAL B 297 15.84 7.37 21.95
C VAL B 297 15.31 8.77 21.73
N PHE B 298 14.63 9.35 22.73
CA PHE B 298 14.06 10.68 22.54
C PHE B 298 15.10 11.78 22.49
N ARG B 299 16.39 11.44 22.60
CA ARG B 299 17.42 12.41 22.23
C ARG B 299 17.29 12.82 20.78
N ILE B 300 16.63 12.00 19.96
CA ILE B 300 16.38 12.37 18.57
C ILE B 300 15.48 13.59 18.48
N PHE B 301 14.42 13.63 19.31
CA PHE B 301 13.45 14.71 19.22
C PHE B 301 14.05 16.07 19.50
N LYS B 302 15.23 16.14 20.11
CA LYS B 302 15.90 17.42 20.27
C LYS B 302 16.24 18.05 18.93
N PHE B 303 16.30 17.24 17.86
CA PHE B 303 16.48 17.77 16.52
C PHE B 303 15.32 18.63 16.07
N SER B 304 14.19 18.59 16.79
CA SER B 304 13.12 19.54 16.56
C SER B 304 13.59 20.97 16.73
N ARG B 305 14.56 21.20 17.62
CA ARG B 305 15.11 22.53 17.77
C ARG B 305 15.98 22.94 16.58
N HIS B 306 16.30 22.00 15.70
CA HIS B 306 17.19 22.24 14.56
C HIS B 306 16.47 22.24 13.23
N SER B 307 15.14 22.37 13.21
CA SER B 307 14.42 22.33 11.94
C SER B 307 13.09 23.05 12.06
N GLN B 308 12.77 23.84 11.04
CA GLN B 308 11.44 24.43 10.92
C GLN B 308 10.42 23.39 10.44
N GLY B 309 10.86 22.40 9.67
CA GLY B 309 9.95 21.39 9.18
C GLY B 309 9.33 20.56 10.30
N LEU B 310 10.15 20.15 11.26
CA LEU B 310 9.62 19.44 12.41
C LEU B 310 8.67 20.31 13.23
N ARG B 311 8.97 21.60 13.33
CA ARG B 311 8.09 22.49 14.09
C ARG B 311 6.73 22.61 13.44
N ILE B 312 6.70 22.82 12.11
CA ILE B 312 5.41 22.94 11.43
C ILE B 312 4.69 21.59 11.41
N LEU B 313 5.43 20.49 11.33
CA LEU B 313 4.82 19.16 11.41
C LEU B 313 4.16 18.94 12.77
N GLY B 314 4.85 19.34 13.85
CA GLY B 314 4.26 19.21 15.17
C GLY B 314 3.05 20.11 15.34
N TYR B 315 3.10 21.32 14.79
CA TYR B 315 1.93 22.19 14.85
C TYR B 315 0.75 21.57 14.10
N THR B 316 1.01 20.98 12.94
CA THR B 316 -0.05 20.31 12.18
C THR B 316 -0.63 19.13 12.96
N LEU B 317 0.23 18.32 13.56
CA LEU B 317 -0.25 17.19 14.37
C LEU B 317 -1.09 17.67 15.54
N LYS B 318 -0.68 18.79 16.16
CA LYS B 318 -1.50 19.39 17.20
C LYS B 318 -2.85 19.84 16.66
N SER B 319 -2.86 20.40 15.45
CA SER B 319 -4.12 20.81 14.84
C SER B 319 -5.03 19.62 14.58
N CYS B 320 -4.47 18.54 14.03
CA CYS B 320 -5.23 17.31 13.78
C CYS B 320 -5.23 16.44 15.04
N ALA B 321 -5.90 16.94 16.07
CA ALA B 321 -6.00 16.25 17.34
C ALA B 321 -7.36 15.62 17.55
N SER B 322 -8.43 16.41 17.48
CA SER B 322 -9.78 15.85 17.58
C SER B 322 -10.10 14.99 16.37
N GLU B 323 -9.71 15.44 15.18
CA GLU B 323 -10.04 14.68 13.97
C GLU B 323 -9.27 13.37 13.90
N LEU B 324 -7.95 13.40 14.14
CA LEU B 324 -7.22 12.14 14.15
C LEU B 324 -7.63 11.26 15.32
N GLY B 325 -8.11 11.88 16.41
CA GLY B 325 -8.70 11.07 17.47
C GLY B 325 -9.95 10.34 17.00
N PHE B 326 -10.79 11.02 16.23
CA PHE B 326 -11.96 10.37 15.66
C PHE B 326 -11.56 9.26 14.70
N LEU B 327 -10.53 9.50 13.88
CA LEU B 327 -10.07 8.46 12.96
C LEU B 327 -9.51 7.25 13.71
N LEU B 328 -8.76 7.49 14.79
CA LEU B 328 -8.29 6.38 15.60
C LEU B 328 -9.44 5.62 16.25
N PHE B 329 -10.46 6.35 16.69
CA PHE B 329 -11.64 5.70 17.28
C PHE B 329 -12.36 4.84 16.26
N SER B 330 -12.54 5.35 15.03
CA SER B 330 -13.20 4.58 13.99
C SER B 330 -12.36 3.38 13.58
N LEU B 331 -11.04 3.55 13.52
CA LEU B 331 -10.15 2.42 13.24
C LEU B 331 -10.26 1.38 14.33
N THR B 332 -10.34 1.80 15.59
CA THR B 332 -10.52 0.85 16.67
C THR B 332 -11.85 0.10 16.55
N MET B 333 -12.92 0.82 16.20
CA MET B 333 -14.20 0.18 15.99
C MET B 333 -14.11 -0.90 14.91
N ALA B 334 -13.55 -0.53 13.75
CA ALA B 334 -13.45 -1.47 12.64
C ALA B 334 -12.54 -2.64 12.99
N ILE B 335 -11.46 -2.37 13.72
CA ILE B 335 -10.54 -3.43 14.11
C ILE B 335 -11.22 -4.42 15.03
N ILE B 336 -12.00 -3.93 16.00
CA ILE B 336 -12.69 -4.85 16.90
C ILE B 336 -13.73 -5.67 16.14
N ILE B 337 -14.46 -5.03 15.22
CA ILE B 337 -15.48 -5.76 14.46
C ILE B 337 -14.84 -6.86 13.61
N PHE B 338 -13.80 -6.51 12.85
CA PHE B 338 -13.18 -7.48 11.96
C PHE B 338 -12.43 -8.54 12.74
N ALA B 339 -11.83 -8.18 13.87
CA ALA B 339 -11.17 -9.18 14.70
C ALA B 339 -12.18 -10.16 15.26
N THR B 340 -13.37 -9.68 15.65
CA THR B 340 -14.40 -10.59 16.13
C THR B 340 -14.82 -11.56 15.04
N VAL B 341 -15.12 -11.05 13.85
CA VAL B 341 -15.60 -11.95 12.80
C VAL B 341 -14.50 -12.92 12.38
N MET B 342 -13.24 -12.47 12.34
CA MET B 342 -12.15 -13.36 11.94
C MET B 342 -11.84 -14.40 13.01
N PHE B 343 -11.89 -14.02 14.28
CA PHE B 343 -11.68 -15.00 15.33
C PHE B 343 -12.76 -16.07 15.28
N TYR B 344 -14.02 -15.66 15.10
CA TYR B 344 -15.09 -16.66 15.10
C TYR B 344 -15.09 -17.50 13.84
N ALA B 345 -14.64 -16.95 12.71
CA ALA B 345 -14.50 -17.76 11.50
C ALA B 345 -13.30 -18.69 11.57
N GLU B 346 -12.25 -18.33 12.30
CA GLU B 346 -10.97 -19.02 12.26
C GLU B 346 -10.63 -19.77 13.54
N LYS B 347 -11.48 -19.72 14.55
CA LYS B 347 -11.13 -20.36 15.82
C LYS B 347 -11.09 -21.88 15.69
N GLY B 348 -11.91 -22.45 14.80
CA GLY B 348 -11.98 -23.89 14.67
C GLY B 348 -10.94 -24.53 13.78
N SER B 349 -10.14 -23.72 13.07
CA SER B 349 -9.16 -24.26 12.15
C SER B 349 -8.08 -25.02 12.92
N SER B 350 -7.44 -25.96 12.22
CA SER B 350 -6.39 -26.76 12.83
C SER B 350 -5.11 -25.95 12.99
N ALA B 351 -4.54 -25.98 14.19
CA ALA B 351 -3.33 -25.22 14.51
C ALA B 351 -3.51 -23.74 14.17
N SER B 352 -4.67 -23.20 14.52
CA SER B 352 -5.01 -21.83 14.16
C SER B 352 -4.24 -20.84 15.02
N LYS B 353 -3.89 -19.71 14.41
CA LYS B 353 -3.27 -18.61 15.12
C LYS B 353 -4.30 -17.60 15.64
N PHE B 354 -5.57 -17.78 15.31
CA PHE B 354 -6.63 -16.90 15.81
C PHE B 354 -7.17 -17.48 17.11
N THR B 355 -6.30 -17.50 18.13
CA THR B 355 -6.64 -18.10 19.40
C THR B 355 -7.53 -17.21 20.26
N SER B 356 -7.69 -15.95 19.91
CA SER B 356 -8.56 -15.04 20.64
C SER B 356 -8.84 -13.83 19.75
N ILE B 357 -9.66 -12.91 20.28
CA ILE B 357 -9.94 -11.67 19.57
C ILE B 357 -8.78 -10.70 19.67
N PRO B 358 -8.13 -10.51 20.82
CA PRO B 358 -6.87 -9.76 20.82
C PRO B 358 -5.81 -10.36 19.92
N ALA B 359 -5.81 -11.69 19.76
CA ALA B 359 -4.89 -12.32 18.82
C ALA B 359 -5.20 -11.90 17.39
N ALA B 360 -6.48 -11.76 17.06
CA ALA B 360 -6.87 -11.33 15.73
C ALA B 360 -6.78 -9.82 15.53
N PHE B 361 -6.58 -9.06 16.61
CA PHE B 361 -6.26 -7.64 16.46
C PHE B 361 -5.04 -7.47 15.57
N TRP B 362 -4.04 -8.33 15.74
CA TRP B 362 -2.82 -8.24 14.96
C TRP B 362 -3.10 -8.46 13.48
N TYR B 363 -3.83 -9.53 13.14
CA TYR B 363 -4.16 -9.78 11.75
C TYR B 363 -4.97 -8.63 11.17
N THR B 364 -5.93 -8.10 11.92
CA THR B 364 -6.79 -7.05 11.40
C THR B 364 -6.02 -5.77 11.14
N ILE B 365 -5.18 -5.35 12.08
CA ILE B 365 -4.43 -4.12 11.88
C ILE B 365 -3.41 -4.30 10.78
N VAL B 366 -2.85 -5.50 10.62
CA VAL B 366 -1.91 -5.73 9.53
C VAL B 366 -2.63 -5.70 8.18
N THR B 367 -3.86 -6.23 8.12
CA THR B 367 -4.58 -6.27 6.87
C THR B 367 -5.09 -4.91 6.44
N MET B 368 -5.60 -4.11 7.39
CA MET B 368 -6.07 -2.77 7.04
C MET B 368 -4.94 -1.89 6.52
N THR B 369 -3.77 -1.95 7.13
CA THR B 369 -2.68 -1.11 6.68
C THR B 369 -2.05 -1.61 5.38
N THR B 370 -2.57 -2.69 4.80
CA THR B 370 -2.06 -3.30 3.58
C THR B 370 -0.59 -3.71 3.72
N LEU B 371 -0.22 -4.17 4.92
CA LEU B 371 1.06 -4.84 5.08
C LEU B 371 0.99 -6.26 4.56
N GLY B 372 0.15 -7.08 5.16
CA GLY B 372 0.12 -8.48 4.83
C GLY B 372 1.47 -9.11 5.06
N TYR B 373 1.88 -9.20 6.33
CA TYR B 373 3.06 -9.98 6.64
C TYR B 373 2.90 -11.41 6.17
N GLY B 374 1.74 -12.01 6.43
CA GLY B 374 1.47 -13.37 6.05
C GLY B 374 1.67 -14.39 7.14
N ASP B 375 2.03 -13.94 8.35
CA ASP B 375 2.16 -14.87 9.47
C ASP B 375 0.80 -15.39 9.92
N MET B 376 -0.19 -14.51 10.02
CA MET B 376 -1.58 -14.89 10.28
C MET B 376 -2.37 -14.66 9.00
N VAL B 377 -2.83 -15.73 8.38
CA VAL B 377 -3.70 -15.63 7.21
C VAL B 377 -4.91 -16.52 7.45
N PRO B 378 -6.08 -16.16 6.93
CA PRO B 378 -7.24 -17.04 7.07
C PRO B 378 -7.07 -18.32 6.27
N LYS B 379 -7.63 -19.41 6.80
CA LYS B 379 -7.55 -20.71 6.15
C LYS B 379 -8.92 -21.34 5.95
N THR B 380 -9.98 -20.53 6.03
CA THR B 380 -11.34 -20.98 5.83
C THR B 380 -12.03 -20.05 4.84
N ILE B 381 -13.08 -20.55 4.20
CA ILE B 381 -13.76 -19.75 3.18
C ILE B 381 -14.36 -18.49 3.79
N ALA B 382 -15.01 -18.63 4.95
CA ALA B 382 -15.55 -17.46 5.63
C ALA B 382 -14.44 -16.52 6.07
N GLY B 383 -13.34 -17.09 6.58
CA GLY B 383 -12.21 -16.26 6.95
C GLY B 383 -11.64 -15.50 5.77
N LYS B 384 -11.56 -16.14 4.61
CA LYS B 384 -11.03 -15.47 3.43
C LYS B 384 -11.99 -14.39 2.93
N ILE B 385 -13.29 -14.63 3.03
CA ILE B 385 -14.27 -13.61 2.63
C ILE B 385 -14.11 -12.37 3.51
N PHE B 386 -14.08 -12.57 4.83
CA PHE B 386 -13.98 -11.43 5.72
C PHE B 386 -12.60 -10.77 5.64
N GLY B 387 -11.56 -11.54 5.31
CA GLY B 387 -10.26 -10.95 5.06
C GLY B 387 -10.26 -10.08 3.82
N SER B 388 -11.00 -10.49 2.79
CA SER B 388 -11.14 -9.64 1.60
C SER B 388 -11.86 -8.34 1.94
N ILE B 389 -12.94 -8.44 2.72
CA ILE B 389 -13.64 -7.23 3.15
C ILE B 389 -12.72 -6.33 3.94
N CYS B 390 -11.90 -6.92 4.83
CA CYS B 390 -10.95 -6.13 5.61
C CYS B 390 -9.90 -5.47 4.72
N SER B 391 -9.47 -6.19 3.68
CA SER B 391 -8.49 -5.62 2.74
C SER B 391 -9.06 -4.40 2.03
N LEU B 392 -10.30 -4.49 1.56
CA LEU B 392 -10.91 -3.34 0.91
C LEU B 392 -11.10 -2.18 1.88
N SER B 393 -11.53 -2.48 3.10
CA SER B 393 -11.62 -1.43 4.12
C SER B 393 -10.26 -0.79 4.35
N GLY B 394 -9.19 -1.58 4.25
CA GLY B 394 -7.86 -1.02 4.37
C GLY B 394 -7.48 -0.12 3.21
N VAL B 395 -7.90 -0.48 2.00
CA VAL B 395 -7.73 0.42 0.87
C VAL B 395 -8.40 1.76 1.15
N LEU B 396 -9.58 1.72 1.78
CA LEU B 396 -10.22 2.97 2.18
C LEU B 396 -9.46 3.66 3.31
N VAL B 397 -8.83 2.88 4.20
CA VAL B 397 -8.05 3.45 5.29
C VAL B 397 -6.88 4.25 4.76
N ILE B 398 -6.26 3.78 3.67
CA ILE B 398 -5.13 4.45 3.06
C ILE B 398 -5.51 5.87 2.65
N ALA B 399 -6.81 6.13 2.48
CA ALA B 399 -7.29 7.42 2.03
C ALA B 399 -8.00 8.24 3.10
N LEU B 400 -8.47 7.61 4.17
CA LEU B 400 -9.31 8.33 5.14
C LEU B 400 -8.63 9.53 5.81
N PRO B 401 -7.42 9.45 6.35
CA PRO B 401 -6.88 10.60 7.10
C PRO B 401 -6.18 11.65 6.24
N VAL B 402 -5.95 11.35 4.97
CA VAL B 402 -5.27 12.30 4.09
C VAL B 402 -6.01 13.63 3.99
N PRO B 403 -7.34 13.68 3.78
CA PRO B 403 -8.00 14.98 3.69
C PRO B 403 -7.76 15.85 4.90
N VAL B 404 -7.94 15.30 6.11
CA VAL B 404 -7.73 16.08 7.32
C VAL B 404 -6.29 16.58 7.40
N ILE B 405 -5.34 15.68 7.19
CA ILE B 405 -3.94 16.06 7.38
C ILE B 405 -3.55 17.15 6.39
N VAL B 406 -3.88 16.96 5.11
CA VAL B 406 -3.46 17.93 4.11
C VAL B 406 -4.23 19.23 4.25
N SER B 407 -5.50 19.19 4.69
CA SER B 407 -6.24 20.42 4.87
C SER B 407 -5.67 21.26 6.00
N ASN B 408 -5.40 20.64 7.15
CA ASN B 408 -4.79 21.39 8.24
C ASN B 408 -3.40 21.89 7.86
N PHE B 409 -2.60 21.06 7.20
CA PHE B 409 -1.27 21.49 6.80
C PHE B 409 -1.34 22.65 5.82
N SER B 410 -2.28 22.60 4.88
CA SER B 410 -2.43 23.69 3.91
C SER B 410 -2.89 24.97 4.59
N ARG B 411 -3.78 24.86 5.58
CA ARG B 411 -4.20 26.05 6.31
C ARG B 411 -3.03 26.67 7.05
N ILE B 412 -2.20 25.84 7.70
CA ILE B 412 -1.02 26.36 8.39
C ILE B 412 -0.07 27.00 7.38
N TYR B 413 0.12 26.37 6.22
CA TYR B 413 1.00 26.92 5.19
C TYR B 413 0.51 28.28 4.71
N HIS B 414 -0.80 28.40 4.46
CA HIS B 414 -1.36 29.66 4.00
C HIS B 414 -1.21 30.75 5.04
N GLN B 415 -1.46 30.43 6.31
CA GLN B 415 -1.27 31.42 7.36
C GLN B 415 0.19 31.82 7.50
N ASN B 416 1.11 30.86 7.34
CA ASN B 416 2.54 31.18 7.39
C ASN B 416 2.93 32.12 6.26
N GLN B 417 2.44 31.86 5.05
CA GLN B 417 2.77 32.76 3.94
C GLN B 417 2.12 34.13 4.14
N ARG B 418 0.92 34.16 4.73
CA ARG B 418 0.30 35.44 5.06
C ARG B 418 1.15 36.24 6.03
N ALA B 419 1.66 35.58 7.08
CA ALA B 419 2.55 36.26 8.02
C ALA B 419 3.84 36.70 7.33
N ASP B 420 4.37 35.86 6.46
CA ASP B 420 5.62 36.20 5.78
C ASP B 420 5.46 37.42 4.88
N LYS B 421 4.35 37.50 4.15
CA LYS B 421 4.11 38.68 3.33
C LYS B 421 3.77 39.90 4.18
N ARG B 422 3.20 39.67 5.38
CA ARG B 422 3.01 40.77 6.32
C ARG B 422 4.34 41.30 6.80
N ARG B 423 5.35 40.44 6.90
CA ARG B 423 6.70 40.89 7.24
C ARG B 423 7.23 41.84 6.17
N ALA B 424 6.97 41.55 4.91
CA ALA B 424 7.41 42.40 3.81
C ALA B 424 6.67 43.73 3.81
N THR C 166 -47.91 15.50 27.62
CA THR C 166 -46.73 15.84 26.83
C THR C 166 -45.48 15.14 27.37
N ALA C 167 -45.69 14.08 28.15
CA ALA C 167 -44.56 13.34 28.72
C ALA C 167 -43.72 12.71 27.62
N ARG C 168 -44.36 12.17 26.59
CA ARG C 168 -43.62 11.61 25.47
C ARG C 168 -42.70 12.66 24.85
N GLN C 169 -43.16 13.90 24.75
CA GLN C 169 -42.31 14.97 24.23
C GLN C 169 -41.07 15.15 25.10
N ARG C 170 -41.24 15.19 26.41
CA ARG C 170 -40.09 15.40 27.29
C ARG C 170 -39.08 14.25 27.19
N VAL C 171 -39.57 13.01 27.23
CA VAL C 171 -38.64 11.89 27.20
C VAL C 171 -37.98 11.76 25.82
N TRP C 172 -38.73 12.05 24.75
CA TRP C 172 -38.12 12.02 23.42
C TRP C 172 -37.08 13.11 23.27
N ARG C 173 -37.32 14.29 23.85
CA ARG C 173 -36.34 15.37 23.80
C ARG C 173 -35.10 15.01 24.60
N ALA C 174 -35.28 14.30 25.72
CA ALA C 174 -34.15 13.83 26.49
C ALA C 174 -33.32 12.81 25.70
N PHE C 175 -34.00 11.88 25.03
CA PHE C 175 -33.28 10.84 24.28
C PHE C 175 -32.57 11.43 23.07
N GLU C 176 -33.32 12.02 22.14
CA GLU C 176 -32.74 12.44 20.86
C GLU C 176 -31.78 13.60 21.03
N ASN C 177 -31.96 14.40 22.08
CA ASN C 177 -31.07 15.53 22.34
C ASN C 177 -30.51 15.40 23.75
N PRO C 178 -29.31 14.84 23.92
CA PRO C 178 -28.80 14.55 25.27
C PRO C 178 -28.32 15.78 26.02
N HIS C 179 -27.71 16.74 25.32
CA HIS C 179 -27.11 17.88 25.98
C HIS C 179 -28.14 18.87 26.51
N THR C 180 -29.41 18.76 26.12
CA THR C 180 -30.40 19.73 26.58
C THR C 180 -30.58 19.67 28.10
N SER C 181 -30.65 18.47 28.66
CA SER C 181 -30.86 18.30 30.09
C SER C 181 -29.71 17.51 30.70
N THR C 182 -29.47 17.76 31.98
CA THR C 182 -28.42 17.02 32.68
C THR C 182 -28.83 15.55 32.88
N MET C 183 -30.12 15.31 33.10
CA MET C 183 -30.60 13.94 33.21
C MET C 183 -30.36 13.17 31.91
N ALA C 184 -30.63 13.82 30.77
CA ALA C 184 -30.35 13.19 29.49
C ALA C 184 -28.87 12.93 29.33
N LEU C 185 -28.02 13.87 29.74
CA LEU C 185 -26.58 13.68 29.63
C LEU C 185 -26.10 12.50 30.48
N VAL C 186 -26.59 12.39 31.71
CA VAL C 186 -26.11 11.32 32.56
C VAL C 186 -26.62 9.97 32.06
N PHE C 187 -27.86 9.91 31.59
CA PHE C 187 -28.34 8.66 31.01
C PHE C 187 -27.53 8.27 29.77
N TYR C 188 -27.22 9.26 28.93
CA TYR C 188 -26.41 9.02 27.74
C TYR C 188 -25.03 8.49 28.11
N TYR C 189 -24.40 9.10 29.11
CA TYR C 189 -23.06 8.67 29.51
C TYR C 189 -23.07 7.29 30.14
N VAL C 190 -24.08 6.98 30.97
CA VAL C 190 -24.07 5.67 31.61
C VAL C 190 -24.35 4.58 30.59
N THR C 191 -25.27 4.83 29.64
CA THR C 191 -25.50 3.81 28.63
C THR C 191 -24.30 3.66 27.70
N GLY C 192 -23.56 4.75 27.44
CA GLY C 192 -22.32 4.61 26.69
C GLY C 192 -21.28 3.80 27.45
N PHE C 193 -21.18 4.02 28.76
CA PHE C 193 -20.29 3.22 29.59
C PHE C 193 -20.67 1.74 29.54
N PHE C 194 -21.97 1.44 29.57
CA PHE C 194 -22.40 0.06 29.50
C PHE C 194 -22.11 -0.55 28.13
N ILE C 195 -22.25 0.24 27.06
CA ILE C 195 -21.87 -0.24 25.74
C ILE C 195 -20.39 -0.59 25.70
N ALA C 196 -19.56 0.30 26.24
CA ALA C 196 -18.12 0.06 26.24
C ALA C 196 -17.77 -1.18 27.05
N VAL C 197 -18.39 -1.35 28.21
CA VAL C 197 -18.06 -2.51 29.06
C VAL C 197 -18.55 -3.79 28.40
N SER C 198 -19.68 -3.74 27.69
CA SER C 198 -20.14 -4.92 26.96
C SER C 198 -19.17 -5.29 25.85
N VAL C 199 -18.69 -4.30 25.11
CA VAL C 199 -17.72 -4.57 24.04
C VAL C 199 -16.45 -5.19 24.62
N ILE C 200 -15.95 -4.61 25.71
CA ILE C 200 -14.72 -5.10 26.30
C ILE C 200 -14.91 -6.50 26.87
N ALA C 201 -16.09 -6.77 27.46
CA ALA C 201 -16.35 -8.11 27.97
C ALA C 201 -16.39 -9.14 26.85
N ASN C 202 -17.03 -8.79 25.72
CA ASN C 202 -17.05 -9.71 24.59
C ASN C 202 -15.64 -9.99 24.08
N VAL C 203 -14.79 -8.96 24.03
CA VAL C 203 -13.43 -9.16 23.56
C VAL C 203 -12.62 -10.00 24.56
N VAL C 204 -12.84 -9.77 25.86
CA VAL C 204 -11.97 -10.38 26.87
C VAL C 204 -12.36 -11.83 27.13
N GLU C 205 -13.64 -12.18 26.97
CA GLU C 205 -14.06 -13.52 27.33
C GLU C 205 -13.40 -14.59 26.45
N THR C 206 -12.79 -14.19 25.33
CA THR C 206 -12.10 -15.13 24.46
C THR C 206 -10.63 -15.28 24.79
N VAL C 207 -10.09 -14.48 25.69
CA VAL C 207 -8.66 -14.56 26.02
C VAL C 207 -8.45 -15.77 26.94
N PRO C 208 -7.55 -16.69 26.59
CA PRO C 208 -7.38 -17.91 27.41
C PRO C 208 -6.77 -17.59 28.77
N CYS C 209 -7.39 -18.09 29.82
CA CYS C 209 -6.84 -17.97 31.16
C CYS C 209 -5.76 -19.02 31.39
N GLY C 210 -4.69 -18.62 32.06
CA GLY C 210 -3.58 -19.50 32.32
C GLY C 210 -3.82 -20.43 33.51
N SER C 211 -2.76 -21.15 33.87
CA SER C 211 -2.69 -21.99 35.06
C SER C 211 -3.53 -23.26 34.93
N SER C 212 -4.32 -23.37 33.85
CA SER C 212 -5.12 -24.54 33.49
C SER C 212 -5.75 -25.18 34.72
N PRO C 213 -6.70 -24.53 35.39
CA PRO C 213 -7.25 -25.10 36.63
C PRO C 213 -8.12 -26.33 36.38
N GLY C 214 -7.61 -27.49 36.75
CA GLY C 214 -8.38 -28.72 36.62
C GLY C 214 -8.78 -29.07 35.21
N HIS C 215 -7.92 -28.78 34.23
CA HIS C 215 -8.23 -29.05 32.84
C HIS C 215 -6.95 -29.41 32.10
N ILE C 216 -7.10 -30.13 30.99
CA ILE C 216 -5.95 -30.51 30.18
C ILE C 216 -5.32 -29.29 29.53
N LYS C 217 -6.14 -28.37 29.03
CA LYS C 217 -5.67 -27.18 28.34
C LYS C 217 -6.28 -25.95 29.00
N GLU C 218 -5.72 -24.79 28.63
CA GLU C 218 -6.20 -23.53 29.18
C GLU C 218 -7.60 -23.21 28.68
N LEU C 219 -8.38 -22.54 29.53
CA LEU C 219 -9.74 -22.13 29.21
C LEU C 219 -9.80 -20.64 28.93
N PRO C 220 -10.71 -20.21 28.05
CA PRO C 220 -10.95 -18.78 27.89
C PRO C 220 -11.65 -18.19 29.10
N CYS C 221 -11.56 -16.87 29.23
CA CYS C 221 -12.21 -16.18 30.34
C CYS C 221 -13.71 -16.45 30.35
N GLY C 222 -14.30 -16.68 29.17
CA GLY C 222 -15.73 -16.91 29.11
C GLY C 222 -16.14 -18.28 29.61
N GLU C 223 -15.18 -19.20 29.71
CA GLU C 223 -15.50 -20.55 30.17
C GLU C 223 -15.03 -20.78 31.59
N ARG C 224 -13.90 -20.20 31.97
CA ARG C 224 -13.41 -20.33 33.35
C ARG C 224 -14.26 -19.50 34.30
N TYR C 225 -14.86 -18.41 33.82
CA TYR C 225 -15.68 -17.51 34.62
C TYR C 225 -17.04 -17.32 33.96
N ALA C 226 -17.68 -18.44 33.60
CA ALA C 226 -18.92 -18.38 32.84
C ALA C 226 -20.00 -17.61 33.59
N VAL C 227 -20.12 -17.84 34.89
CA VAL C 227 -21.18 -17.18 35.66
C VAL C 227 -20.95 -15.66 35.70
N ALA C 228 -19.70 -15.24 35.91
CA ALA C 228 -19.40 -13.81 36.00
C ALA C 228 -19.69 -13.11 34.67
N PHE C 229 -19.26 -13.71 33.56
CA PHE C 229 -19.50 -13.09 32.27
C PHE C 229 -20.97 -13.13 31.89
N PHE C 230 -21.68 -14.17 32.32
CA PHE C 230 -23.12 -14.20 32.08
C PHE C 230 -23.82 -13.10 32.87
N CYS C 231 -23.40 -12.87 34.11
CA CYS C 231 -23.98 -11.79 34.89
C CYS C 231 -23.69 -10.44 34.25
N LEU C 232 -22.46 -10.22 33.80
CA LEU C 232 -22.12 -8.97 33.14
C LEU C 232 -22.95 -8.78 31.86
N ASP C 233 -23.05 -9.84 31.06
CA ASP C 233 -23.81 -9.76 29.81
C ASP C 233 -25.28 -9.50 30.09
N THR C 234 -25.85 -10.14 31.11
CA THR C 234 -27.27 -9.95 31.39
C THR C 234 -27.53 -8.57 31.96
N ALA C 235 -26.61 -8.01 32.74
CA ALA C 235 -26.77 -6.63 33.18
C ALA C 235 -26.77 -5.68 31.99
N CYS C 236 -25.80 -5.87 31.08
CA CYS C 236 -25.74 -5.01 29.90
C CYS C 236 -27.00 -5.16 29.05
N VAL C 237 -27.52 -6.38 28.92
CA VAL C 237 -28.69 -6.61 28.10
C VAL C 237 -29.94 -6.03 28.75
N MET C 238 -30.04 -6.10 30.09
CA MET C 238 -31.16 -5.44 30.74
C MET C 238 -31.13 -3.93 30.52
N ILE C 239 -29.95 -3.33 30.63
CA ILE C 239 -29.86 -1.89 30.41
C ILE C 239 -30.25 -1.55 28.97
N PHE C 240 -29.71 -2.30 28.01
CA PHE C 240 -30.03 -2.03 26.61
C PHE C 240 -31.51 -2.25 26.32
N THR C 241 -32.11 -3.27 26.94
CA THR C 241 -33.51 -3.57 26.70
C THR C 241 -34.42 -2.50 27.27
N VAL C 242 -34.17 -2.06 28.50
CA VAL C 242 -35.00 -1.01 29.07
C VAL C 242 -34.83 0.28 28.28
N GLU C 243 -33.60 0.58 27.84
CA GLU C 243 -33.38 1.77 27.03
C GLU C 243 -34.14 1.69 25.70
N TYR C 244 -34.10 0.53 25.05
CA TYR C 244 -34.78 0.38 23.77
C TYR C 244 -36.30 0.46 23.93
N LEU C 245 -36.83 -0.15 24.99
CA LEU C 245 -38.27 -0.08 25.22
C LEU C 245 -38.70 1.35 25.54
N LEU C 246 -37.91 2.09 26.31
CA LEU C 246 -38.23 3.49 26.56
C LEU C 246 -38.20 4.30 25.29
N ARG C 247 -37.20 4.09 24.44
CA ARG C 247 -37.16 4.79 23.16
C ARG C 247 -38.38 4.45 22.32
N LEU C 248 -38.80 3.19 22.32
CA LEU C 248 -39.97 2.77 21.56
C LEU C 248 -41.23 3.44 22.10
N ALA C 249 -41.38 3.50 23.41
CA ALA C 249 -42.56 4.11 24.01
C ALA C 249 -42.52 5.63 23.96
N ALA C 250 -41.38 6.21 23.64
CA ALA C 250 -41.22 7.66 23.57
C ALA C 250 -41.24 8.19 22.15
N ALA C 251 -41.23 7.33 21.15
CA ALA C 251 -41.14 7.78 19.76
C ALA C 251 -42.50 8.29 19.29
N PRO C 252 -42.56 9.50 18.72
CA PRO C 252 -43.85 10.00 18.23
C PRO C 252 -44.46 9.10 17.16
N SER C 253 -43.64 8.54 16.28
CA SER C 253 -44.07 7.61 15.25
C SER C 253 -43.33 6.30 15.50
N ARG C 254 -43.97 5.40 16.26
CA ARG C 254 -43.31 4.17 16.68
C ARG C 254 -42.93 3.32 15.48
N TYR C 255 -43.81 3.21 14.49
CA TYR C 255 -43.47 2.44 13.29
C TYR C 255 -42.29 3.07 12.54
N ARG C 256 -42.31 4.39 12.39
CA ARG C 256 -41.19 5.06 11.73
C ARG C 256 -39.90 4.89 12.50
N PHE C 257 -39.96 4.97 13.83
CA PHE C 257 -38.76 4.76 14.65
C PHE C 257 -38.23 3.34 14.46
N VAL C 258 -39.11 2.35 14.48
CA VAL C 258 -38.66 0.97 14.28
C VAL C 258 -38.05 0.79 12.91
N ARG C 259 -38.62 1.47 11.90
CA ARG C 259 -38.08 1.38 10.55
C ARG C 259 -36.70 2.02 10.41
N SER C 260 -36.26 2.78 11.40
CA SER C 260 -34.93 3.37 11.34
C SER C 260 -33.86 2.28 11.39
N VAL C 261 -32.74 2.54 10.72
CA VAL C 261 -31.64 1.58 10.69
C VAL C 261 -31.06 1.37 12.08
N MET C 262 -31.03 2.42 12.90
CA MET C 262 -30.39 2.31 14.19
C MET C 262 -31.21 1.46 15.15
N SER C 263 -32.54 1.54 15.05
CA SER C 263 -33.38 0.63 15.81
C SER C 263 -33.15 -0.81 15.37
N ILE C 264 -32.90 -1.02 14.08
CA ILE C 264 -32.56 -2.36 13.60
C ILE C 264 -31.25 -2.83 14.22
N ILE C 265 -30.26 -1.93 14.31
CA ILE C 265 -29.00 -2.28 14.94
C ILE C 265 -29.21 -2.66 16.40
N ASP C 266 -30.03 -1.88 17.11
CA ASP C 266 -30.33 -2.19 18.50
C ASP C 266 -30.99 -3.57 18.63
N VAL C 267 -32.04 -3.82 17.83
CA VAL C 267 -32.78 -5.06 17.99
C VAL C 267 -31.88 -6.26 17.65
N VAL C 268 -31.04 -6.13 16.63
CA VAL C 268 -30.14 -7.22 16.27
C VAL C 268 -28.97 -7.33 17.24
N ALA C 269 -28.74 -6.31 18.07
CA ALA C 269 -27.72 -6.41 19.10
C ALA C 269 -28.23 -7.12 20.33
N ILE C 270 -29.49 -6.86 20.72
CA ILE C 270 -30.00 -7.49 21.95
C ILE C 270 -30.59 -8.88 21.71
N LEU C 271 -31.32 -9.10 20.61
CA LEU C 271 -31.94 -10.41 20.41
C LEU C 271 -31.01 -11.62 20.42
N PRO C 272 -29.73 -11.54 20.04
CA PRO C 272 -28.87 -12.73 20.21
C PRO C 272 -28.87 -13.30 21.61
N TYR C 273 -28.89 -12.45 22.64
CA TYR C 273 -28.93 -12.94 24.02
C TYR C 273 -30.19 -13.75 24.28
N TYR C 274 -31.35 -13.23 23.88
CA TYR C 274 -32.60 -13.95 24.13
C TYR C 274 -32.68 -15.23 23.31
N ILE C 275 -32.15 -15.20 22.08
CA ILE C 275 -32.13 -16.40 21.26
C ILE C 275 -31.27 -17.48 21.92
N GLY C 276 -30.12 -17.07 22.47
CA GLY C 276 -29.31 -18.00 23.23
C GLY C 276 -30.04 -18.52 24.46
N LEU C 277 -30.87 -17.67 25.08
CA LEU C 277 -31.67 -18.13 26.22
C LEU C 277 -32.65 -19.23 25.80
N VAL C 278 -33.44 -18.97 24.76
CA VAL C 278 -34.48 -19.92 24.37
C VAL C 278 -33.92 -21.21 23.80
N MET C 279 -32.63 -21.25 23.47
CA MET C 279 -31.98 -22.45 22.98
C MET C 279 -31.11 -23.10 24.05
N THR C 280 -31.42 -22.88 25.33
CA THR C 280 -30.64 -23.48 26.40
C THR C 280 -30.78 -25.00 26.41
N ASP C 281 -31.92 -25.52 25.92
CA ASP C 281 -32.09 -26.97 25.85
C ASP C 281 -31.08 -27.59 24.88
N ASN C 282 -30.87 -26.95 23.73
CA ASN C 282 -29.87 -27.39 22.77
C ASN C 282 -28.56 -26.63 23.02
N GLU C 283 -28.01 -26.85 24.22
CA GLU C 283 -26.81 -26.16 24.64
C GLU C 283 -25.60 -26.51 23.78
N ASP C 284 -25.60 -27.68 23.15
CA ASP C 284 -24.50 -28.11 22.29
C ASP C 284 -24.61 -27.59 20.87
N VAL C 285 -25.38 -26.51 20.66
CA VAL C 285 -25.59 -25.99 19.32
C VAL C 285 -24.28 -25.45 18.75
N SER C 286 -24.06 -25.70 17.46
CA SER C 286 -22.89 -25.19 16.75
C SER C 286 -23.35 -24.61 15.43
N GLY C 287 -22.56 -23.67 14.91
CA GLY C 287 -22.88 -22.98 13.67
C GLY C 287 -23.82 -21.80 13.87
N ALA C 288 -24.87 -22.00 14.66
CA ALA C 288 -25.76 -20.91 15.04
C ALA C 288 -25.30 -20.20 16.31
N PHE C 289 -24.70 -20.94 17.24
CA PHE C 289 -24.16 -20.32 18.44
C PHE C 289 -23.02 -19.36 18.10
N VAL C 290 -22.08 -19.81 17.26
CA VAL C 290 -20.99 -18.94 16.84
C VAL C 290 -21.53 -17.74 16.09
N THR C 291 -22.58 -17.93 15.29
CA THR C 291 -23.17 -16.83 14.55
C THR C 291 -23.83 -15.81 15.47
N LEU C 292 -24.50 -16.28 16.53
CA LEU C 292 -25.05 -15.36 17.51
C LEU C 292 -23.95 -14.59 18.23
N ARG C 293 -22.88 -15.28 18.63
CA ARG C 293 -21.78 -14.59 19.29
C ARG C 293 -21.16 -13.55 18.35
N VAL C 294 -21.11 -13.83 17.05
CA VAL C 294 -20.69 -12.82 16.10
C VAL C 294 -21.66 -11.65 16.11
N PHE C 295 -22.97 -11.93 16.04
CA PHE C 295 -23.95 -10.84 16.00
C PHE C 295 -23.90 -9.98 17.25
N ARG C 296 -23.32 -10.48 18.34
CA ARG C 296 -23.12 -9.61 19.48
C ARG C 296 -22.16 -8.46 19.20
N VAL C 297 -21.42 -8.50 18.08
CA VAL C 297 -20.50 -7.40 17.76
C VAL C 297 -21.27 -6.14 17.39
N PHE C 298 -22.56 -6.27 17.06
CA PHE C 298 -23.36 -5.13 16.63
C PHE C 298 -23.50 -4.07 17.71
N ARG C 299 -23.20 -4.41 18.97
CA ARG C 299 -23.26 -3.41 20.02
C ARG C 299 -22.27 -2.27 19.81
N ILE C 300 -21.20 -2.51 19.04
CA ILE C 300 -20.20 -1.47 18.80
C ILE C 300 -20.81 -0.32 18.01
N PHE C 301 -21.75 -0.63 17.10
CA PHE C 301 -22.30 0.39 16.22
C PHE C 301 -23.08 1.46 16.97
N LYS C 302 -23.40 1.23 18.24
CA LYS C 302 -24.05 2.25 19.05
C LYS C 302 -23.06 3.32 19.53
N PHE C 303 -21.76 3.06 19.42
CA PHE C 303 -20.77 4.10 19.66
C PHE C 303 -20.98 5.28 18.71
N SER C 304 -21.23 5.01 17.44
CA SER C 304 -21.51 6.08 16.50
C SER C 304 -22.83 6.78 16.82
N ARG C 305 -23.69 6.16 17.63
CA ARG C 305 -24.79 6.91 18.24
C ARG C 305 -24.30 7.79 19.36
N HIS C 306 -23.24 7.36 20.05
CA HIS C 306 -22.69 8.16 21.14
C HIS C 306 -21.59 9.11 20.67
N SER C 307 -20.68 8.63 19.82
CA SER C 307 -19.69 9.51 19.20
C SER C 307 -20.26 10.06 17.88
N GLN C 308 -21.43 10.69 18.02
CA GLN C 308 -22.24 11.17 16.91
C GLN C 308 -21.75 12.51 16.37
N GLY C 309 -20.50 12.88 16.67
CA GLY C 309 -19.90 14.07 16.11
C GLY C 309 -20.11 14.20 14.62
N LEU C 310 -20.11 15.44 14.12
CA LEU C 310 -20.50 15.71 12.74
C LEU C 310 -19.78 14.78 11.77
N ARG C 311 -20.57 13.98 11.05
CA ARG C 311 -20.03 12.96 10.14
C ARG C 311 -19.61 13.61 8.82
N ILE C 312 -18.62 14.49 8.92
CA ILE C 312 -18.05 15.08 7.70
C ILE C 312 -17.43 13.99 6.84
N LEU C 313 -16.72 13.06 7.47
CA LEU C 313 -16.20 11.92 6.73
C LEU C 313 -17.33 11.02 6.23
N GLY C 314 -18.36 10.80 7.06
CA GLY C 314 -19.51 10.04 6.60
C GLY C 314 -20.24 10.72 5.47
N TYR C 315 -20.43 12.04 5.57
CA TYR C 315 -21.10 12.77 4.50
C TYR C 315 -20.29 12.73 3.21
N THR C 316 -18.96 12.85 3.32
CA THR C 316 -18.13 12.76 2.12
C THR C 316 -18.15 11.35 1.53
N LEU C 317 -18.20 10.33 2.38
CA LEU C 317 -18.31 8.97 1.87
C LEU C 317 -19.62 8.78 1.12
N LYS C 318 -20.71 9.34 1.64
CA LYS C 318 -21.97 9.33 0.89
C LYS C 318 -21.86 10.15 -0.39
N SER C 319 -21.03 11.20 -0.38
CA SER C 319 -20.86 12.03 -1.57
C SER C 319 -20.16 11.26 -2.68
N CYS C 320 -19.37 10.25 -2.32
CA CYS C 320 -18.67 9.43 -3.29
C CYS C 320 -19.33 8.07 -3.50
N ALA C 321 -20.59 7.91 -3.09
CA ALA C 321 -21.23 6.61 -3.13
C ALA C 321 -21.30 6.05 -4.54
N SER C 322 -21.58 6.89 -5.54
CA SER C 322 -21.58 6.43 -6.92
C SER C 322 -20.19 5.98 -7.34
N GLU C 323 -19.17 6.76 -7.00
CA GLU C 323 -17.80 6.39 -7.36
C GLU C 323 -17.38 5.09 -6.68
N LEU C 324 -17.73 4.92 -5.41
CA LEU C 324 -17.41 3.68 -4.73
C LEU C 324 -18.15 2.49 -5.34
N GLY C 325 -19.43 2.66 -5.69
CA GLY C 325 -20.15 1.56 -6.31
C GLY C 325 -19.54 1.16 -7.65
N PHE C 326 -19.21 2.15 -8.48
CA PHE C 326 -18.55 1.85 -9.74
C PHE C 326 -17.20 1.19 -9.53
N LEU C 327 -16.45 1.65 -8.52
CA LEU C 327 -15.15 1.08 -8.25
C LEU C 327 -15.27 -0.39 -7.82
N LEU C 328 -16.27 -0.70 -6.99
CA LEU C 328 -16.50 -2.09 -6.62
C LEU C 328 -16.92 -2.94 -7.81
N PHE C 329 -17.74 -2.41 -8.71
CA PHE C 329 -18.10 -3.21 -9.89
C PHE C 329 -16.90 -3.48 -10.78
N SER C 330 -16.08 -2.45 -11.01
CA SER C 330 -14.87 -2.64 -11.81
C SER C 330 -13.90 -3.58 -11.12
N LEU C 331 -13.83 -3.50 -9.80
CA LEU C 331 -12.97 -4.39 -9.03
C LEU C 331 -13.45 -5.83 -9.15
N THR C 332 -14.76 -6.06 -9.13
CA THR C 332 -15.27 -7.41 -9.33
C THR C 332 -14.91 -7.94 -10.71
N MET C 333 -15.08 -7.12 -11.74
CA MET C 333 -14.71 -7.53 -13.09
C MET C 333 -13.23 -7.88 -13.17
N ALA C 334 -12.38 -7.01 -12.65
CA ALA C 334 -10.94 -7.24 -12.71
C ALA C 334 -10.56 -8.48 -11.91
N ILE C 335 -11.20 -8.69 -10.77
CA ILE C 335 -10.89 -9.86 -9.94
C ILE C 335 -11.23 -11.13 -10.71
N ILE C 336 -12.40 -11.17 -11.34
CA ILE C 336 -12.78 -12.38 -12.08
C ILE C 336 -11.83 -12.62 -13.25
N ILE C 337 -11.48 -11.56 -13.98
CA ILE C 337 -10.60 -11.71 -15.14
C ILE C 337 -9.22 -12.21 -14.71
N PHE C 338 -8.63 -11.54 -13.72
CA PHE C 338 -7.30 -11.91 -13.28
C PHE C 338 -7.29 -13.28 -12.61
N ALA C 339 -8.37 -13.64 -11.91
CA ALA C 339 -8.44 -14.97 -11.31
C ALA C 339 -8.51 -16.04 -12.37
N THR C 340 -9.29 -15.83 -13.44
CA THR C 340 -9.31 -16.78 -14.53
C THR C 340 -7.92 -16.95 -15.13
N VAL C 341 -7.26 -15.83 -15.41
CA VAL C 341 -5.95 -15.89 -16.05
C VAL C 341 -4.94 -16.59 -15.15
N MET C 342 -4.93 -16.25 -13.86
CA MET C 342 -3.96 -16.87 -12.95
C MET C 342 -4.24 -18.35 -12.74
N PHE C 343 -5.51 -18.73 -12.60
CA PHE C 343 -5.82 -20.14 -12.43
C PHE C 343 -5.36 -20.95 -13.63
N TYR C 344 -5.61 -20.44 -14.84
CA TYR C 344 -5.20 -21.20 -16.01
C TYR C 344 -3.70 -21.16 -16.24
N ALA C 345 -3.03 -20.11 -15.77
CA ALA C 345 -1.58 -20.07 -15.82
C ALA C 345 -0.92 -20.95 -14.77
N GLU C 346 -1.63 -21.29 -13.70
CA GLU C 346 -1.02 -21.97 -12.56
C GLU C 346 -1.76 -23.20 -12.10
N LYS C 347 -2.72 -23.71 -12.87
CA LYS C 347 -3.42 -24.92 -12.47
C LYS C 347 -2.50 -26.14 -12.46
N GLY C 348 -1.41 -26.09 -13.24
CA GLY C 348 -0.57 -27.25 -13.43
C GLY C 348 0.70 -27.31 -12.61
N SER C 349 1.00 -26.29 -11.80
CA SER C 349 2.22 -26.30 -11.02
C SER C 349 2.19 -27.42 -9.98
N SER C 350 3.36 -27.70 -9.41
CA SER C 350 3.46 -28.76 -8.42
C SER C 350 2.88 -28.29 -7.09
N ALA C 351 1.96 -29.08 -6.54
CA ALA C 351 1.29 -28.75 -5.28
C ALA C 351 0.68 -27.35 -5.33
N SER C 352 0.05 -27.04 -6.46
CA SER C 352 -0.44 -25.69 -6.70
C SER C 352 -1.59 -25.36 -5.76
N LYS C 353 -1.61 -24.11 -5.29
CA LYS C 353 -2.71 -23.61 -4.48
C LYS C 353 -3.80 -22.98 -5.33
N PHE C 354 -3.58 -22.84 -6.63
CA PHE C 354 -4.59 -22.32 -7.55
C PHE C 354 -5.42 -23.48 -8.07
N THR C 355 -6.17 -24.09 -7.14
CA THR C 355 -6.93 -25.30 -7.47
C THR C 355 -8.22 -24.99 -8.23
N SER C 356 -8.64 -23.74 -8.26
CA SER C 356 -9.85 -23.35 -8.97
C SER C 356 -9.85 -21.84 -9.13
N ILE C 357 -10.76 -21.36 -9.98
CA ILE C 357 -10.91 -19.90 -10.15
C ILE C 357 -11.38 -19.24 -8.86
N PRO C 358 -12.37 -19.77 -8.13
CA PRO C 358 -12.66 -19.20 -6.80
C PRO C 358 -11.48 -19.26 -5.86
N ALA C 359 -10.61 -20.28 -5.99
CA ALA C 359 -9.40 -20.31 -5.18
C ALA C 359 -8.46 -19.19 -5.53
N ALA C 360 -8.39 -18.83 -6.82
CA ALA C 360 -7.57 -17.71 -7.25
C ALA C 360 -8.23 -16.36 -6.98
N PHE C 361 -9.52 -16.34 -6.64
CA PHE C 361 -10.13 -15.11 -6.16
C PHE C 361 -9.37 -14.54 -4.98
N TRP C 362 -8.92 -15.42 -4.09
CA TRP C 362 -8.19 -14.98 -2.90
C TRP C 362 -6.87 -14.33 -3.28
N TYR C 363 -6.10 -14.98 -4.17
CA TYR C 363 -4.86 -14.39 -4.63
C TYR C 363 -5.10 -13.05 -5.30
N THR C 364 -6.12 -12.97 -6.15
CA THR C 364 -6.35 -11.73 -6.89
C THR C 364 -6.76 -10.59 -5.96
N ILE C 365 -7.65 -10.87 -4.99
CA ILE C 365 -8.07 -9.79 -4.10
C ILE C 365 -6.92 -9.37 -3.19
N VAL C 366 -6.06 -10.32 -2.78
CA VAL C 366 -4.93 -9.96 -1.94
C VAL C 366 -3.91 -9.16 -2.73
N THR C 367 -3.70 -9.50 -4.01
CA THR C 367 -2.71 -8.80 -4.83
C THR C 367 -3.19 -7.41 -5.22
N MET C 368 -4.46 -7.29 -5.59
CA MET C 368 -4.98 -6.01 -6.06
C MET C 368 -5.17 -4.99 -4.95
N THR C 369 -5.04 -5.39 -3.68
CA THR C 369 -5.08 -4.46 -2.56
C THR C 369 -3.70 -4.20 -2.00
N THR C 370 -2.66 -4.75 -2.62
CA THR C 370 -1.27 -4.62 -2.19
C THR C 370 -1.06 -5.12 -0.76
N LEU C 371 -1.76 -6.19 -0.40
CA LEU C 371 -1.39 -6.93 0.80
C LEU C 371 -0.19 -7.83 0.52
N GLY C 372 -0.36 -8.78 -0.38
CA GLY C 372 0.67 -9.76 -0.61
C GLY C 372 0.99 -10.51 0.67
N TYR C 373 0.03 -11.29 1.16
CA TYR C 373 0.35 -12.18 2.27
C TYR C 373 1.51 -13.09 1.91
N GLY C 374 1.48 -13.67 0.72
CA GLY C 374 2.53 -14.56 0.28
C GLY C 374 2.21 -16.03 0.42
N ASP C 375 1.01 -16.38 0.91
CA ASP C 375 0.61 -17.78 0.98
C ASP C 375 0.35 -18.35 -0.40
N MET C 376 -0.36 -17.61 -1.25
CA MET C 376 -0.53 -17.94 -2.65
C MET C 376 0.31 -16.98 -3.45
N VAL C 377 1.40 -17.48 -4.03
CA VAL C 377 2.23 -16.69 -4.93
C VAL C 377 2.39 -17.46 -6.23
N PRO C 378 2.52 -16.79 -7.37
CA PRO C 378 2.73 -17.51 -8.62
C PRO C 378 4.09 -18.17 -8.67
N LYS C 379 4.16 -19.29 -9.39
CA LYS C 379 5.39 -20.04 -9.54
C LYS C 379 5.80 -20.27 -10.99
N THR C 380 5.01 -19.80 -11.95
CA THR C 380 5.31 -19.95 -13.37
C THR C 380 5.60 -18.58 -13.96
N ILE C 381 6.28 -18.59 -15.11
CA ILE C 381 6.65 -17.33 -15.76
C ILE C 381 5.40 -16.58 -16.20
N ALA C 382 4.43 -17.30 -16.79
CA ALA C 382 3.17 -16.68 -17.14
C ALA C 382 2.43 -16.21 -15.89
N GLY C 383 2.44 -17.04 -14.84
CA GLY C 383 1.80 -16.64 -13.61
C GLY C 383 2.42 -15.39 -13.02
N LYS C 384 3.74 -15.27 -13.09
CA LYS C 384 4.41 -14.10 -12.54
C LYS C 384 4.15 -12.86 -13.40
N ILE C 385 4.09 -13.02 -14.72
CA ILE C 385 3.76 -11.89 -15.59
C ILE C 385 2.38 -11.35 -15.26
N PHE C 386 1.40 -12.25 -15.17
CA PHE C 386 0.04 -11.79 -14.90
C PHE C 386 -0.12 -11.31 -13.45
N GLY C 387 0.68 -11.86 -12.53
CA GLY C 387 0.70 -11.31 -11.19
C GLY C 387 1.27 -9.90 -11.15
N SER C 388 2.23 -9.60 -12.01
CA SER C 388 2.75 -8.25 -12.12
C SER C 388 1.70 -7.29 -12.68
N ILE C 389 0.98 -7.73 -13.71
CA ILE C 389 -0.12 -6.91 -14.22
C ILE C 389 -1.15 -6.67 -13.12
N CYS C 390 -1.47 -7.71 -12.36
CA CYS C 390 -2.41 -7.57 -11.24
C CYS C 390 -1.88 -6.60 -10.19
N SER C 391 -0.57 -6.65 -9.92
CA SER C 391 0.03 -5.76 -8.94
C SER C 391 -0.10 -4.30 -9.36
N LEU C 392 0.16 -4.01 -10.63
CA LEU C 392 0.01 -2.64 -11.11
C LEU C 392 -1.44 -2.18 -11.05
N SER C 393 -2.37 -3.06 -11.45
CA SER C 393 -3.79 -2.72 -11.30
C SER C 393 -4.13 -2.47 -9.83
N GLY C 394 -3.47 -3.20 -8.92
CA GLY C 394 -3.70 -2.98 -7.50
C GLY C 394 -3.17 -1.64 -7.03
N VAL C 395 -2.04 -1.21 -7.57
CA VAL C 395 -1.52 0.12 -7.28
C VAL C 395 -2.55 1.17 -7.68
N LEU C 396 -3.11 1.02 -8.89
CA LEU C 396 -4.16 1.94 -9.31
C LEU C 396 -5.36 1.89 -8.37
N VAL C 397 -5.77 0.69 -7.97
CA VAL C 397 -6.93 0.55 -7.09
C VAL C 397 -6.70 1.27 -5.77
N ILE C 398 -5.55 1.04 -5.14
CA ILE C 398 -5.29 1.64 -3.84
C ILE C 398 -5.08 3.14 -3.95
N ALA C 399 -4.66 3.61 -5.14
CA ALA C 399 -4.30 5.02 -5.27
C ALA C 399 -5.46 5.92 -5.68
N LEU C 400 -6.44 5.41 -6.43
CA LEU C 400 -7.48 6.29 -6.96
C LEU C 400 -8.28 7.06 -5.90
N PRO C 401 -8.80 6.44 -4.83
CA PRO C 401 -9.77 7.17 -3.98
C PRO C 401 -9.21 8.38 -3.25
N VAL C 402 -7.88 8.53 -3.15
CA VAL C 402 -7.32 9.57 -2.28
C VAL C 402 -7.66 10.98 -2.76
N PRO C 403 -7.36 11.38 -3.99
CA PRO C 403 -7.75 12.74 -4.41
C PRO C 403 -9.24 12.96 -4.42
N VAL C 404 -10.02 11.93 -4.74
CA VAL C 404 -11.48 12.04 -4.73
C VAL C 404 -11.96 12.42 -3.33
N ILE C 405 -11.52 11.65 -2.33
CA ILE C 405 -11.96 11.91 -0.96
C ILE C 405 -11.42 13.25 -0.47
N VAL C 406 -10.21 13.62 -0.88
CA VAL C 406 -9.63 14.89 -0.43
C VAL C 406 -10.46 16.06 -0.95
N SER C 407 -10.78 16.04 -2.25
CA SER C 407 -11.57 17.13 -2.82
C SER C 407 -12.96 17.17 -2.21
N ASN C 408 -13.59 16.01 -2.05
CA ASN C 408 -14.94 15.98 -1.48
C ASN C 408 -14.93 16.48 -0.05
N PHE C 409 -13.93 16.10 0.74
CA PHE C 409 -13.83 16.56 2.11
C PHE C 409 -13.64 18.07 2.18
N SER C 410 -12.77 18.61 1.31
CA SER C 410 -12.60 20.06 1.28
C SER C 410 -13.91 20.76 0.96
N ARG C 411 -14.61 20.26 -0.06
CA ARG C 411 -15.87 20.90 -0.46
C ARG C 411 -16.89 20.86 0.66
N ILE C 412 -17.06 19.69 1.31
CA ILE C 412 -18.05 19.57 2.37
C ILE C 412 -17.68 20.41 3.58
N TYR C 413 -16.40 20.46 3.92
CA TYR C 413 -15.98 21.28 5.05
C TYR C 413 -16.28 22.75 4.78
N HIS C 414 -16.02 23.20 3.55
CA HIS C 414 -16.32 24.60 3.22
C HIS C 414 -17.83 24.86 3.23
N GLN C 415 -18.63 23.90 2.73
CA GLN C 415 -20.08 24.04 2.81
C GLN C 415 -20.55 24.15 4.25
N ASN C 416 -19.97 23.33 5.13
CA ASN C 416 -20.41 23.35 6.53
C ASN C 416 -19.99 24.64 7.22
N GLN C 417 -18.80 25.17 6.90
CA GLN C 417 -18.42 26.46 7.46
C GLN C 417 -19.32 27.59 6.95
N ARG C 418 -19.71 27.52 5.67
CA ARG C 418 -20.64 28.52 5.15
C ARG C 418 -22.00 28.41 5.81
N ALA C 419 -22.46 27.19 6.08
CA ALA C 419 -23.69 27.01 6.83
C ALA C 419 -23.57 27.54 8.25
N ASP C 420 -22.38 27.37 8.85
CA ASP C 420 -22.14 27.90 10.19
C ASP C 420 -22.26 29.42 10.20
N LYS C 421 -21.57 30.09 9.27
CA LYS C 421 -21.70 31.55 9.20
C LYS C 421 -23.09 31.97 8.74
N ARG C 422 -23.85 31.07 8.11
CA ARG C 422 -25.24 31.36 7.80
C ARG C 422 -26.09 31.38 9.08
N ARG C 423 -25.87 30.41 9.96
CA ARG C 423 -26.67 30.37 11.19
C ARG C 423 -26.22 31.42 12.20
N ALA C 424 -25.10 32.10 11.94
CA ALA C 424 -24.64 33.17 12.82
C ALA C 424 -24.83 34.53 12.16
N THR D 166 -37.24 0.74 -43.63
CA THR D 166 -36.90 1.35 -42.36
C THR D 166 -36.94 0.32 -41.23
N ALA D 167 -36.88 -0.96 -41.60
CA ALA D 167 -36.89 -2.01 -40.60
C ALA D 167 -35.50 -2.28 -40.05
N ARG D 168 -34.50 -2.40 -40.93
CA ARG D 168 -33.14 -2.68 -40.47
C ARG D 168 -32.61 -1.56 -39.58
N GLN D 169 -32.85 -0.31 -39.96
CA GLN D 169 -32.39 0.79 -39.12
C GLN D 169 -33.16 0.87 -37.81
N ARG D 170 -34.45 0.49 -37.81
CA ARG D 170 -35.18 0.40 -36.57
C ARG D 170 -34.57 -0.64 -35.64
N VAL D 171 -34.22 -1.80 -36.19
CA VAL D 171 -33.58 -2.84 -35.39
C VAL D 171 -32.24 -2.35 -34.87
N TRP D 172 -31.48 -1.66 -35.72
CA TRP D 172 -30.16 -1.16 -35.31
C TRP D 172 -30.28 -0.15 -34.18
N ARG D 173 -31.24 0.76 -34.27
CA ARG D 173 -31.41 1.75 -33.22
C ARG D 173 -31.98 1.12 -31.96
N ALA D 174 -32.75 0.04 -32.10
CA ALA D 174 -33.15 -0.72 -30.92
C ALA D 174 -31.96 -1.36 -30.24
N PHE D 175 -31.01 -1.87 -31.03
CA PHE D 175 -29.77 -2.39 -30.47
C PHE D 175 -28.99 -1.30 -29.75
N GLU D 176 -28.82 -0.15 -30.40
CA GLU D 176 -28.08 0.94 -29.76
C GLU D 176 -28.81 1.49 -28.55
N ASN D 177 -30.14 1.58 -28.61
CA ASN D 177 -30.94 2.27 -27.61
C ASN D 177 -31.99 1.32 -27.09
N PRO D 178 -31.60 0.39 -26.19
CA PRO D 178 -32.56 -0.61 -25.72
C PRO D 178 -33.75 -0.05 -24.97
N HIS D 179 -33.59 1.10 -24.31
CA HIS D 179 -34.68 1.65 -23.51
C HIS D 179 -35.81 2.20 -24.36
N THR D 180 -35.61 2.35 -25.67
CA THR D 180 -36.68 2.87 -26.52
C THR D 180 -37.82 1.88 -26.65
N SER D 181 -37.54 0.70 -27.20
CA SER D 181 -38.56 -0.34 -27.39
C SER D 181 -38.52 -1.31 -26.22
N THR D 182 -39.70 -1.66 -25.71
CA THR D 182 -39.76 -2.59 -24.58
C THR D 182 -39.30 -3.98 -24.99
N MET D 183 -39.61 -4.40 -26.22
CA MET D 183 -39.07 -5.66 -26.72
C MET D 183 -37.56 -5.61 -26.81
N ALA D 184 -37.02 -4.47 -27.25
CA ALA D 184 -35.57 -4.29 -27.28
C ALA D 184 -35.00 -4.37 -25.87
N LEU D 185 -35.68 -3.78 -24.89
CA LEU D 185 -35.21 -3.85 -23.52
C LEU D 185 -35.23 -5.28 -23.00
N VAL D 186 -36.26 -6.04 -23.35
CA VAL D 186 -36.34 -7.44 -22.93
C VAL D 186 -35.18 -8.23 -23.54
N PHE D 187 -34.93 -8.04 -24.83
CA PHE D 187 -33.81 -8.73 -25.47
C PHE D 187 -32.48 -8.32 -24.84
N TYR D 188 -32.36 -7.04 -24.49
CA TYR D 188 -31.16 -6.53 -23.82
C TYR D 188 -30.94 -7.23 -22.48
N TYR D 189 -31.97 -7.29 -21.65
CA TYR D 189 -31.81 -7.91 -20.34
C TYR D 189 -31.59 -9.42 -20.47
N VAL D 190 -32.19 -10.04 -21.48
CA VAL D 190 -31.98 -11.47 -21.70
C VAL D 190 -30.53 -11.75 -22.06
N THR D 191 -29.97 -10.98 -23.00
CA THR D 191 -28.57 -11.22 -23.37
C THR D 191 -27.63 -10.87 -22.22
N GLY D 192 -27.95 -9.86 -21.41
CA GLY D 192 -27.14 -9.59 -20.24
C GLY D 192 -27.17 -10.72 -19.22
N PHE D 193 -28.36 -11.29 -19.00
CA PHE D 193 -28.48 -12.42 -18.10
C PHE D 193 -27.69 -13.61 -18.62
N PHE D 194 -27.73 -13.85 -19.93
CA PHE D 194 -26.96 -14.97 -20.48
C PHE D 194 -25.47 -14.72 -20.39
N ILE D 195 -25.03 -13.46 -20.52
CA ILE D 195 -23.62 -13.14 -20.31
C ILE D 195 -23.21 -13.49 -18.89
N ALA D 196 -24.02 -13.07 -17.91
CA ALA D 196 -23.70 -13.37 -16.52
C ALA D 196 -23.70 -14.87 -16.26
N VAL D 197 -24.65 -15.59 -16.86
CA VAL D 197 -24.71 -17.04 -16.69
C VAL D 197 -23.47 -17.71 -17.27
N SER D 198 -23.03 -17.27 -18.45
CA SER D 198 -21.83 -17.87 -19.03
C SER D 198 -20.60 -17.58 -18.18
N VAL D 199 -20.50 -16.37 -17.64
CA VAL D 199 -19.37 -16.03 -16.78
C VAL D 199 -19.35 -16.92 -15.54
N ILE D 200 -20.52 -17.07 -14.90
CA ILE D 200 -20.59 -17.88 -13.68
C ILE D 200 -20.33 -19.34 -14.00
N ALA D 201 -20.78 -19.82 -15.16
CA ALA D 201 -20.52 -21.20 -15.53
C ALA D 201 -19.03 -21.43 -15.75
N ASN D 202 -18.36 -20.48 -16.39
CA ASN D 202 -16.91 -20.59 -16.56
C ASN D 202 -16.21 -20.64 -15.21
N VAL D 203 -16.65 -19.80 -14.26
CA VAL D 203 -16.00 -19.76 -12.96
C VAL D 203 -16.26 -21.05 -12.18
N VAL D 204 -17.47 -21.59 -12.29
CA VAL D 204 -17.86 -22.72 -11.43
C VAL D 204 -17.38 -24.04 -12.00
N GLU D 205 -17.20 -24.14 -13.32
CA GLU D 205 -16.82 -25.42 -13.89
C GLU D 205 -15.42 -25.84 -13.48
N THR D 206 -14.64 -24.95 -12.89
CA THR D 206 -13.31 -25.30 -12.42
C THR D 206 -13.29 -25.76 -10.97
N VAL D 207 -14.37 -25.56 -10.22
CA VAL D 207 -14.44 -25.93 -8.81
C VAL D 207 -14.40 -27.45 -8.70
N PRO D 208 -13.57 -28.02 -7.83
CA PRO D 208 -13.64 -29.47 -7.59
C PRO D 208 -14.99 -29.86 -7.02
N CYS D 209 -15.58 -30.90 -7.61
CA CYS D 209 -16.91 -31.34 -7.19
C CYS D 209 -16.91 -31.84 -5.75
N GLY D 210 -15.83 -32.52 -5.34
CA GLY D 210 -15.73 -33.02 -3.99
C GLY D 210 -16.33 -34.41 -3.84
N SER D 211 -15.52 -35.36 -3.38
CA SER D 211 -15.93 -36.75 -3.21
C SER D 211 -16.49 -37.31 -4.51
N SER D 212 -15.61 -37.36 -5.52
CA SER D 212 -16.03 -37.81 -6.83
C SER D 212 -16.51 -39.26 -6.77
N PRO D 213 -17.66 -39.57 -7.34
CA PRO D 213 -18.18 -40.94 -7.29
C PRO D 213 -17.33 -41.87 -8.14
N GLY D 214 -16.73 -42.87 -7.49
CA GLY D 214 -15.91 -43.83 -8.19
C GLY D 214 -14.53 -43.35 -8.59
N HIS D 215 -14.12 -42.17 -8.14
CA HIS D 215 -12.81 -41.62 -8.46
C HIS D 215 -12.14 -41.13 -7.18
N ILE D 216 -10.86 -41.47 -7.03
CA ILE D 216 -10.13 -41.05 -5.83
C ILE D 216 -9.95 -39.54 -5.81
N LYS D 217 -9.52 -38.97 -6.92
CA LYS D 217 -9.33 -37.52 -7.01
C LYS D 217 -10.64 -36.84 -7.37
N GLU D 218 -10.89 -35.71 -6.70
CA GLU D 218 -12.12 -34.95 -6.93
C GLU D 218 -12.00 -34.23 -8.27
N LEU D 219 -12.88 -34.58 -9.21
CA LEU D 219 -12.86 -33.96 -10.51
C LEU D 219 -13.51 -32.57 -10.44
N PRO D 220 -13.12 -31.66 -11.33
CA PRO D 220 -13.83 -30.38 -11.42
C PRO D 220 -15.26 -30.60 -11.88
N CYS D 221 -16.14 -29.67 -11.49
CA CYS D 221 -17.54 -29.76 -11.90
C CYS D 221 -17.67 -29.69 -13.42
N GLY D 222 -16.72 -29.07 -14.10
CA GLY D 222 -16.76 -29.05 -15.55
C GLY D 222 -16.34 -30.37 -16.17
N GLU D 223 -15.83 -31.28 -15.35
CA GLU D 223 -15.48 -32.62 -15.81
C GLU D 223 -16.45 -33.68 -15.30
N ARG D 224 -17.01 -33.47 -14.11
CA ARG D 224 -18.07 -34.35 -13.64
C ARG D 224 -19.31 -34.23 -14.50
N TYR D 225 -19.62 -33.01 -14.95
CA TYR D 225 -20.81 -32.75 -15.74
C TYR D 225 -20.43 -32.09 -17.06
N ALA D 226 -19.46 -32.67 -17.77
CA ALA D 226 -18.98 -32.05 -19.00
C ALA D 226 -20.11 -31.90 -20.02
N VAL D 227 -21.06 -32.82 -20.02
CA VAL D 227 -22.18 -32.73 -20.95
C VAL D 227 -23.07 -31.53 -20.61
N ALA D 228 -23.44 -31.42 -19.34
CA ALA D 228 -24.32 -30.32 -18.93
C ALA D 228 -23.64 -28.97 -19.12
N PHE D 229 -22.37 -28.87 -18.74
CA PHE D 229 -21.66 -27.61 -18.92
C PHE D 229 -21.46 -27.28 -20.39
N PHE D 230 -21.23 -28.30 -21.22
CA PHE D 230 -21.12 -28.06 -22.65
C PHE D 230 -22.45 -27.56 -23.23
N CYS D 231 -23.56 -28.15 -22.78
CA CYS D 231 -24.87 -27.70 -23.26
C CYS D 231 -25.15 -26.27 -22.84
N LEU D 232 -24.86 -25.92 -21.59
CA LEU D 232 -25.06 -24.53 -21.15
C LEU D 232 -24.15 -23.58 -21.92
N ASP D 233 -22.89 -23.95 -22.10
CA ASP D 233 -21.94 -23.12 -22.84
C ASP D 233 -22.41 -22.91 -24.28
N THR D 234 -22.85 -23.97 -24.94
CA THR D 234 -23.28 -23.83 -26.33
C THR D 234 -24.58 -23.05 -26.43
N ALA D 235 -25.45 -23.13 -25.41
CA ALA D 235 -26.62 -22.27 -25.41
C ALA D 235 -26.21 -20.80 -25.37
N CYS D 236 -25.32 -20.45 -24.44
CA CYS D 236 -24.86 -19.07 -24.35
C CYS D 236 -24.17 -18.63 -25.63
N VAL D 237 -23.38 -19.52 -26.23
CA VAL D 237 -22.63 -19.17 -27.44
C VAL D 237 -23.56 -19.00 -28.63
N MET D 238 -24.59 -19.85 -28.75
CA MET D 238 -25.57 -19.64 -29.82
C MET D 238 -26.31 -18.32 -29.64
N ILE D 239 -26.68 -17.97 -28.41
CA ILE D 239 -27.33 -16.68 -28.19
C ILE D 239 -26.40 -15.55 -28.61
N PHE D 240 -25.12 -15.62 -28.21
CA PHE D 240 -24.20 -14.55 -28.56
C PHE D 240 -23.96 -14.48 -30.06
N THR D 241 -23.83 -15.62 -30.72
CA THR D 241 -23.62 -15.64 -32.17
C THR D 241 -24.82 -15.05 -32.90
N VAL D 242 -26.02 -15.43 -32.50
CA VAL D 242 -27.22 -14.89 -33.14
C VAL D 242 -27.30 -13.38 -32.91
N GLU D 243 -27.02 -12.94 -31.69
CA GLU D 243 -27.10 -11.51 -31.39
C GLU D 243 -26.07 -10.73 -32.20
N TYR D 244 -24.87 -11.28 -32.37
CA TYR D 244 -23.86 -10.61 -33.19
C TYR D 244 -24.26 -10.60 -34.66
N LEU D 245 -24.89 -11.68 -35.14
CA LEU D 245 -25.31 -11.71 -36.54
C LEU D 245 -26.40 -10.67 -36.81
N LEU D 246 -27.35 -10.52 -35.89
CA LEU D 246 -28.32 -9.43 -36.04
C LEU D 246 -27.66 -8.07 -35.96
N ARG D 247 -26.68 -7.89 -35.06
CA ARG D 247 -25.98 -6.62 -35.01
C ARG D 247 -25.23 -6.35 -36.31
N LEU D 248 -24.76 -7.40 -36.98
CA LEU D 248 -24.07 -7.22 -38.24
C LEU D 248 -25.04 -6.88 -39.36
N ALA D 249 -26.20 -7.54 -39.37
CA ALA D 249 -27.18 -7.29 -40.43
C ALA D 249 -27.80 -5.91 -40.31
N ALA D 250 -28.17 -5.52 -39.09
CA ALA D 250 -28.82 -4.22 -38.89
C ALA D 250 -27.87 -3.05 -38.95
N ALA D 251 -26.57 -3.28 -38.84
CA ALA D 251 -25.61 -2.18 -38.85
C ALA D 251 -25.56 -1.52 -40.22
N PRO D 252 -25.55 -0.19 -40.30
CA PRO D 252 -25.47 0.47 -41.61
C PRO D 252 -24.14 0.21 -42.32
N SER D 253 -23.04 0.48 -41.63
CA SER D 253 -21.70 0.25 -42.18
C SER D 253 -21.13 -0.99 -41.51
N ARG D 254 -21.18 -2.12 -42.24
CA ARG D 254 -20.69 -3.37 -41.69
C ARG D 254 -19.19 -3.31 -41.41
N TYR D 255 -18.41 -2.72 -42.31
CA TYR D 255 -16.97 -2.62 -42.09
C TYR D 255 -16.66 -1.78 -40.86
N ARG D 256 -17.26 -0.59 -40.77
CA ARG D 256 -17.01 0.28 -39.62
C ARG D 256 -17.52 -0.35 -38.34
N PHE D 257 -18.70 -0.98 -38.38
CA PHE D 257 -19.24 -1.61 -37.19
C PHE D 257 -18.32 -2.73 -36.69
N VAL D 258 -17.80 -3.55 -37.61
CA VAL D 258 -16.83 -4.55 -37.22
C VAL D 258 -15.59 -3.88 -36.64
N ARG D 259 -15.21 -2.73 -37.18
CA ARG D 259 -14.06 -2.01 -36.63
C ARG D 259 -14.35 -1.43 -35.25
N SER D 260 -15.61 -1.33 -34.83
CA SER D 260 -15.91 -0.81 -33.51
C SER D 260 -15.48 -1.80 -32.44
N VAL D 261 -14.87 -1.27 -31.37
CA VAL D 261 -14.14 -2.10 -30.42
C VAL D 261 -15.07 -3.13 -29.76
N MET D 262 -16.33 -2.77 -29.55
CA MET D 262 -17.28 -3.71 -28.97
C MET D 262 -17.47 -4.92 -29.88
N SER D 263 -17.46 -4.71 -31.20
CA SER D 263 -17.55 -5.82 -32.13
C SER D 263 -16.33 -6.73 -32.02
N ILE D 264 -15.13 -6.16 -31.88
CA ILE D 264 -13.94 -6.99 -31.69
C ILE D 264 -14.06 -7.80 -30.40
N ILE D 265 -14.56 -7.18 -29.33
CA ILE D 265 -14.74 -7.90 -28.07
C ILE D 265 -15.70 -9.07 -28.27
N ASP D 266 -16.82 -8.81 -28.95
CA ASP D 266 -17.79 -9.88 -29.21
C ASP D 266 -17.16 -11.01 -30.02
N VAL D 267 -16.40 -10.67 -31.05
CA VAL D 267 -15.77 -11.68 -31.90
C VAL D 267 -14.77 -12.52 -31.13
N VAL D 268 -13.91 -11.86 -30.35
CA VAL D 268 -12.88 -12.60 -29.62
C VAL D 268 -13.49 -13.41 -28.50
N ALA D 269 -14.68 -13.03 -28.03
CA ALA D 269 -15.36 -13.85 -27.04
C ALA D 269 -16.14 -15.00 -27.68
N ILE D 270 -16.55 -14.85 -28.94
CA ILE D 270 -17.43 -15.84 -29.54
C ILE D 270 -16.67 -16.95 -30.27
N LEU D 271 -15.58 -16.64 -30.96
CA LEU D 271 -14.83 -17.72 -31.64
C LEU D 271 -14.31 -18.84 -30.75
N PRO D 272 -13.76 -18.61 -29.55
CA PRO D 272 -13.16 -19.74 -28.80
C PRO D 272 -13.99 -21.02 -28.79
N TYR D 273 -15.32 -20.90 -28.68
CA TYR D 273 -16.16 -22.10 -28.74
C TYR D 273 -16.04 -22.79 -30.09
N TYR D 274 -16.09 -22.02 -31.18
CA TYR D 274 -16.01 -22.63 -32.50
C TYR D 274 -14.62 -23.18 -32.78
N ILE D 275 -13.58 -22.51 -32.28
CA ILE D 275 -12.23 -23.03 -32.41
C ILE D 275 -12.11 -24.36 -31.69
N GLY D 276 -12.70 -24.47 -30.51
CA GLY D 276 -12.75 -25.76 -29.83
C GLY D 276 -13.56 -26.78 -30.60
N LEU D 277 -14.59 -26.32 -31.32
CA LEU D 277 -15.39 -27.23 -32.13
C LEU D 277 -14.58 -27.85 -33.26
N VAL D 278 -14.03 -27.02 -34.14
CA VAL D 278 -13.29 -27.52 -35.30
C VAL D 278 -12.02 -28.26 -34.92
N MET D 279 -11.62 -28.18 -33.65
CA MET D 279 -10.40 -28.79 -33.16
C MET D 279 -10.68 -30.10 -32.42
N THR D 280 -11.92 -30.59 -32.50
CA THR D 280 -12.32 -31.82 -31.81
C THR D 280 -11.51 -33.02 -32.25
N ASP D 281 -10.89 -32.98 -33.44
CA ASP D 281 -10.00 -34.07 -33.84
C ASP D 281 -8.78 -34.14 -32.91
N ASN D 282 -8.23 -32.98 -32.54
CA ASN D 282 -7.09 -32.93 -31.62
C ASN D 282 -7.58 -32.71 -30.19
N GLU D 283 -8.39 -33.66 -29.71
CA GLU D 283 -8.93 -33.58 -28.35
C GLU D 283 -7.86 -33.81 -27.29
N ASP D 284 -6.68 -34.30 -27.68
CA ASP D 284 -5.59 -34.57 -26.75
C ASP D 284 -4.57 -33.44 -26.71
N VAL D 285 -5.01 -32.19 -26.88
CA VAL D 285 -4.08 -31.07 -26.95
C VAL D 285 -3.61 -30.68 -25.56
N SER D 286 -2.43 -30.08 -25.50
CA SER D 286 -1.91 -29.48 -24.27
C SER D 286 -1.58 -28.02 -24.54
N GLY D 287 -2.05 -27.14 -23.66
CA GLY D 287 -1.75 -25.72 -23.76
C GLY D 287 -2.72 -24.86 -24.55
N ALA D 288 -3.08 -25.28 -25.77
CA ALA D 288 -3.99 -24.49 -26.59
C ALA D 288 -5.37 -24.39 -25.96
N PHE D 289 -5.86 -25.50 -25.39
CA PHE D 289 -7.14 -25.47 -24.70
C PHE D 289 -7.12 -24.49 -23.54
N VAL D 290 -5.99 -24.39 -22.84
CA VAL D 290 -5.85 -23.41 -21.77
C VAL D 290 -6.03 -22.01 -22.33
N THR D 291 -5.40 -21.72 -23.48
CA THR D 291 -5.51 -20.39 -24.06
C THR D 291 -6.94 -20.09 -24.48
N LEU D 292 -7.63 -21.07 -25.08
CA LEU D 292 -9.02 -20.84 -25.45
C LEU D 292 -9.91 -20.60 -24.22
N ARG D 293 -9.71 -21.40 -23.17
CA ARG D 293 -10.53 -21.22 -21.97
C ARG D 293 -10.22 -19.90 -21.29
N VAL D 294 -8.99 -19.41 -21.40
CA VAL D 294 -8.69 -18.06 -20.94
C VAL D 294 -9.44 -17.04 -21.78
N PHE D 295 -9.37 -17.17 -23.10
CA PHE D 295 -10.05 -16.21 -23.97
C PHE D 295 -11.55 -16.21 -23.75
N ARG D 296 -12.10 -17.26 -23.16
CA ARG D 296 -13.52 -17.25 -22.79
C ARG D 296 -13.83 -16.20 -21.73
N VAL D 297 -12.83 -15.65 -21.04
CA VAL D 297 -13.13 -14.73 -19.95
C VAL D 297 -13.62 -13.39 -20.48
N PHE D 298 -13.30 -13.05 -21.72
CA PHE D 298 -13.70 -11.74 -22.24
C PHE D 298 -15.19 -11.64 -22.52
N ARG D 299 -15.95 -12.70 -22.24
CA ARG D 299 -17.39 -12.54 -22.18
C ARG D 299 -17.80 -11.55 -21.10
N ILE D 300 -16.92 -11.30 -20.13
CA ILE D 300 -17.18 -10.29 -19.11
C ILE D 300 -17.25 -8.90 -19.73
N PHE D 301 -16.32 -8.60 -20.65
CA PHE D 301 -16.24 -7.26 -21.21
C PHE D 301 -17.50 -6.86 -21.97
N LYS D 302 -18.35 -7.82 -22.34
CA LYS D 302 -19.63 -7.47 -22.93
C LYS D 302 -20.50 -6.66 -21.98
N PHE D 303 -20.23 -6.75 -20.67
CA PHE D 303 -20.92 -5.92 -19.69
C PHE D 303 -20.61 -4.44 -19.89
N SER D 304 -19.60 -4.10 -20.69
CA SER D 304 -19.39 -2.71 -21.08
C SER D 304 -20.61 -2.16 -21.79
N ARG D 305 -21.36 -3.00 -22.51
CA ARG D 305 -22.57 -2.53 -23.15
C ARG D 305 -23.68 -2.26 -22.14
N HIS D 306 -23.50 -2.68 -20.89
CA HIS D 306 -24.52 -2.56 -19.85
C HIS D 306 -24.17 -1.53 -18.79
N SER D 307 -23.24 -0.62 -19.05
CA SER D 307 -22.87 0.35 -18.04
C SER D 307 -22.26 1.59 -18.69
N GLN D 308 -22.67 2.76 -18.20
CA GLN D 308 -22.02 4.01 -18.58
C GLN D 308 -20.68 4.18 -17.88
N GLY D 309 -20.54 3.61 -16.68
CA GLY D 309 -19.29 3.73 -15.95
C GLY D 309 -18.13 3.06 -16.67
N LEU D 310 -18.34 1.86 -17.19
CA LEU D 310 -17.30 1.21 -17.98
C LEU D 310 -16.98 2.00 -19.24
N ARG D 311 -17.99 2.60 -19.87
CA ARG D 311 -17.73 3.38 -21.08
C ARG D 311 -16.86 4.60 -20.77
N ILE D 312 -17.18 5.33 -19.71
CA ILE D 312 -16.37 6.50 -19.38
C ILE D 312 -14.99 6.08 -18.89
N LEU D 313 -14.90 4.95 -18.19
CA LEU D 313 -13.60 4.42 -17.78
C LEU D 313 -12.73 4.07 -18.98
N GLY D 314 -13.33 3.43 -19.99
CA GLY D 314 -12.58 3.12 -21.20
C GLY D 314 -12.16 4.36 -21.95
N TYR D 315 -13.04 5.37 -22.00
CA TYR D 315 -12.65 6.62 -22.63
C TYR D 315 -11.49 7.28 -21.90
N THR D 316 -11.52 7.25 -20.56
CA THR D 316 -10.42 7.81 -19.78
C THR D 316 -9.12 7.05 -20.04
N LEU D 317 -9.19 5.72 -20.07
CA LEU D 317 -8.00 4.93 -20.35
C LEU D 317 -7.45 5.23 -21.74
N LYS D 318 -8.35 5.44 -22.71
CA LYS D 318 -7.91 5.86 -24.04
C LYS D 318 -7.23 7.21 -23.97
N SER D 319 -7.77 8.14 -23.16
CA SER D 319 -7.15 9.45 -23.02
C SER D 319 -5.76 9.33 -22.41
N CYS D 320 -5.61 8.53 -21.35
CA CYS D 320 -4.32 8.31 -20.72
C CYS D 320 -3.57 7.20 -21.43
N ALA D 321 -3.20 7.47 -22.68
CA ALA D 321 -2.48 6.50 -23.51
C ALA D 321 -1.01 6.84 -23.63
N SER D 322 -0.68 8.04 -24.11
CA SER D 322 0.71 8.45 -24.17
C SER D 322 1.31 8.63 -22.78
N GLU D 323 0.52 9.21 -21.87
CA GLU D 323 1.04 9.46 -20.52
C GLU D 323 1.24 8.17 -19.74
N LEU D 324 0.25 7.28 -19.75
CA LEU D 324 0.45 6.00 -19.08
C LEU D 324 1.50 5.15 -19.79
N GLY D 325 1.68 5.36 -21.09
CA GLY D 325 2.80 4.74 -21.77
C GLY D 325 4.13 5.23 -21.24
N PHE D 326 4.24 6.53 -21.00
CA PHE D 326 5.45 7.08 -20.41
C PHE D 326 5.67 6.54 -19.00
N LEU D 327 4.59 6.44 -18.21
CA LEU D 327 4.73 5.87 -16.86
C LEU D 327 5.17 4.42 -16.90
N LEU D 328 4.62 3.64 -17.83
CA LEU D 328 5.06 2.25 -17.96
C LEU D 328 6.52 2.17 -18.40
N PHE D 329 6.94 3.08 -19.28
CA PHE D 329 8.33 3.11 -19.70
C PHE D 329 9.25 3.46 -18.53
N SER D 330 8.87 4.45 -17.73
CA SER D 330 9.69 4.81 -16.57
C SER D 330 9.71 3.69 -15.54
N LEU D 331 8.57 3.03 -15.33
CA LEU D 331 8.54 1.88 -14.44
C LEU D 331 9.45 0.77 -14.95
N THR D 332 9.46 0.53 -16.26
CA THR D 332 10.36 -0.47 -16.82
C THR D 332 11.81 -0.08 -16.59
N MET D 333 12.14 1.20 -16.80
CA MET D 333 13.50 1.67 -16.53
C MET D 333 13.91 1.39 -15.08
N ALA D 334 13.06 1.80 -14.15
CA ALA D 334 13.37 1.62 -12.73
C ALA D 334 13.44 0.15 -12.37
N ILE D 335 12.58 -0.67 -12.94
CA ILE D 335 12.57 -2.10 -12.66
C ILE D 335 13.87 -2.73 -13.15
N ILE D 336 14.32 -2.37 -14.34
CA ILE D 336 15.57 -2.94 -14.84
C ILE D 336 16.74 -2.50 -13.97
N ILE D 337 16.77 -1.23 -13.58
CA ILE D 337 17.88 -0.73 -12.76
C ILE D 337 17.92 -1.46 -11.42
N PHE D 338 16.77 -1.53 -10.73
CA PHE D 338 16.74 -2.14 -9.42
C PHE D 338 16.95 -3.65 -9.49
N ALA D 339 16.44 -4.29 -10.55
CA ALA D 339 16.70 -5.71 -10.73
C ALA D 339 18.17 -5.99 -10.95
N THR D 340 18.84 -5.12 -11.71
CA THR D 340 20.29 -5.28 -11.89
C THR D 340 21.03 -5.18 -10.57
N VAL D 341 20.75 -4.13 -9.80
CA VAL D 341 21.49 -3.96 -8.56
C VAL D 341 21.17 -5.08 -7.57
N MET D 342 19.92 -5.54 -7.52
CA MET D 342 19.56 -6.60 -6.60
C MET D 342 20.13 -7.94 -7.02
N PHE D 343 20.14 -8.23 -8.33
CA PHE D 343 20.77 -9.48 -8.77
C PHE D 343 22.25 -9.49 -8.44
N TYR D 344 22.94 -8.37 -8.66
CA TYR D 344 24.37 -8.37 -8.40
C TYR D 344 24.69 -8.35 -6.92
N ALA D 345 23.81 -7.77 -6.10
CA ALA D 345 24.00 -7.84 -4.65
C ALA D 345 23.66 -9.21 -4.08
N GLU D 346 22.75 -9.95 -4.73
CA GLU D 346 22.17 -11.15 -4.16
C GLU D 346 22.58 -12.43 -4.89
N LYS D 347 23.37 -12.33 -5.96
CA LYS D 347 23.71 -13.52 -6.72
C LYS D 347 24.58 -14.48 -5.92
N GLY D 348 25.42 -13.96 -5.03
CA GLY D 348 26.34 -14.79 -4.28
C GLY D 348 25.78 -15.44 -3.04
N SER D 349 24.56 -15.09 -2.65
CA SER D 349 23.98 -15.64 -1.42
C SER D 349 23.73 -17.14 -1.58
N SER D 350 23.71 -17.83 -0.44
CA SER D 350 23.49 -19.27 -0.45
C SER D 350 22.03 -19.59 -0.73
N ALA D 351 21.79 -20.50 -1.68
CA ALA D 351 20.45 -20.88 -2.10
C ALA D 351 19.63 -19.66 -2.49
N SER D 352 20.25 -18.75 -3.23
CA SER D 352 19.62 -17.50 -3.58
C SER D 352 18.55 -17.69 -4.64
N LYS D 353 17.48 -16.90 -4.56
CA LYS D 353 16.45 -16.89 -5.57
C LYS D 353 16.71 -15.84 -6.65
N PHE D 354 17.74 -15.02 -6.49
CA PHE D 354 18.10 -14.03 -7.50
C PHE D 354 19.10 -14.65 -8.49
N THR D 355 18.60 -15.65 -9.21
CA THR D 355 19.45 -16.40 -10.13
C THR D 355 19.72 -15.66 -11.43
N SER D 356 19.01 -14.58 -11.70
CA SER D 356 19.24 -13.78 -12.90
C SER D 356 18.57 -12.43 -12.71
N ILE D 357 18.73 -11.57 -13.72
CA ILE D 357 18.07 -10.26 -13.69
C ILE D 357 16.59 -10.40 -14.02
N PRO D 358 16.16 -11.18 -15.00
CA PRO D 358 14.72 -11.46 -15.13
C PRO D 358 14.13 -12.11 -13.89
N ALA D 359 14.92 -12.89 -13.16
CA ALA D 359 14.44 -13.44 -11.89
C ALA D 359 14.19 -12.35 -10.88
N ALA D 360 15.04 -11.32 -10.87
CA ALA D 360 14.86 -10.21 -9.94
C ALA D 360 13.83 -9.20 -10.44
N PHE D 361 13.38 -9.29 -11.70
CA PHE D 361 12.24 -8.50 -12.13
C PHE D 361 11.05 -8.74 -11.22
N TRP D 362 10.84 -9.99 -10.82
CA TRP D 362 9.71 -10.33 -9.97
C TRP D 362 9.81 -9.64 -8.62
N TYR D 363 10.98 -9.75 -7.97
CA TYR D 363 11.17 -9.08 -6.69
C TYR D 363 10.99 -7.58 -6.83
N THR D 364 11.53 -6.99 -7.89
CA THR D 364 11.46 -5.54 -8.04
C THR D 364 10.04 -5.07 -8.25
N ILE D 365 9.28 -5.73 -9.13
CA ILE D 365 7.92 -5.28 -9.37
C ILE D 365 7.05 -5.54 -8.15
N VAL D 366 7.34 -6.59 -7.38
CA VAL D 366 6.58 -6.84 -6.16
C VAL D 366 6.89 -5.78 -5.11
N THR D 367 8.15 -5.34 -5.03
CA THR D 367 8.54 -4.36 -4.02
C THR D 367 8.02 -2.97 -4.35
N MET D 368 8.08 -2.56 -5.62
CA MET D 368 7.56 -1.25 -5.99
C MET D 368 6.06 -1.13 -5.73
N THR D 369 5.30 -2.17 -6.05
CA THR D 369 3.87 -2.08 -5.84
C THR D 369 3.47 -2.22 -4.38
N THR D 370 4.44 -2.33 -3.47
CA THR D 370 4.22 -2.51 -2.03
C THR D 370 3.37 -3.73 -1.74
N LEU D 371 3.56 -4.79 -2.53
CA LEU D 371 3.00 -6.09 -2.15
C LEU D 371 3.85 -6.74 -1.06
N GLY D 372 5.10 -7.01 -1.37
CA GLY D 372 5.91 -7.77 -0.46
C GLY D 372 5.30 -9.11 -0.17
N TYR D 373 5.24 -9.99 -1.17
CA TYR D 373 4.87 -11.36 -0.89
C TYR D 373 5.80 -11.97 0.13
N GLY D 374 7.10 -11.78 -0.03
CA GLY D 374 8.09 -12.33 0.88
C GLY D 374 8.74 -13.60 0.39
N ASP D 375 8.38 -14.08 -0.81
CA ASP D 375 9.04 -15.26 -1.35
C ASP D 375 10.48 -14.97 -1.76
N MET D 376 10.71 -13.83 -2.40
CA MET D 376 12.06 -13.33 -2.68
C MET D 376 12.32 -12.13 -1.79
N VAL D 377 13.24 -12.28 -0.85
CA VAL D 377 13.66 -11.16 -0.01
C VAL D 377 15.18 -11.09 -0.02
N PRO D 378 15.78 -9.91 0.07
CA PRO D 378 17.23 -9.83 0.14
C PRO D 378 17.76 -10.43 1.44
N LYS D 379 18.94 -11.02 1.37
CA LYS D 379 19.57 -11.63 2.54
C LYS D 379 20.99 -11.11 2.75
N THR D 380 21.32 -9.97 2.16
CA THR D 380 22.62 -9.34 2.30
C THR D 380 22.41 -7.86 2.63
N ILE D 381 23.42 -7.26 3.25
CA ILE D 381 23.29 -5.87 3.69
C ILE D 381 23.08 -4.96 2.49
N ALA D 382 23.86 -5.16 1.42
CA ALA D 382 23.67 -4.37 0.20
C ALA D 382 22.31 -4.64 -0.41
N GLY D 383 21.88 -5.90 -0.42
CA GLY D 383 20.57 -6.23 -0.93
C GLY D 383 19.47 -5.56 -0.14
N LYS D 384 19.62 -5.50 1.19
CA LYS D 384 18.60 -4.87 2.01
C LYS D 384 18.59 -3.35 1.81
N ILE D 385 19.76 -2.75 1.61
CA ILE D 385 19.82 -1.32 1.35
C ILE D 385 19.09 -0.99 0.04
N PHE D 386 19.40 -1.73 -1.02
CA PHE D 386 18.76 -1.44 -2.30
C PHE D 386 17.29 -1.83 -2.29
N GLY D 387 16.90 -2.82 -1.47
CA GLY D 387 15.49 -3.12 -1.31
C GLY D 387 14.76 -2.00 -0.60
N SER D 388 15.40 -1.35 0.36
CA SER D 388 14.80 -0.19 1.00
C SER D 388 14.62 0.95 0.01
N ILE D 389 15.64 1.21 -0.81
CA ILE D 389 15.51 2.23 -1.85
C ILE D 389 14.37 1.89 -2.80
N CYS D 390 14.25 0.62 -3.18
CA CYS D 390 13.17 0.20 -4.05
C CYS D 390 11.80 0.39 -3.38
N SER D 391 11.72 0.12 -2.08
CA SER D 391 10.47 0.31 -1.34
C SER D 391 10.04 1.76 -1.35
N LEU D 392 10.98 2.68 -1.12
CA LEU D 392 10.64 4.09 -1.15
C LEU D 392 10.24 4.53 -2.55
N SER D 393 10.95 4.05 -3.57
CA SER D 393 10.54 4.34 -4.95
C SER D 393 9.15 3.82 -5.21
N GLY D 394 8.78 2.70 -4.59
CA GLY D 394 7.43 2.18 -4.72
C GLY D 394 6.40 3.06 -4.04
N VAL D 395 6.74 3.62 -2.89
CA VAL D 395 5.87 4.61 -2.26
C VAL D 395 5.62 5.77 -3.22
N LEU D 396 6.65 6.19 -3.95
CA LEU D 396 6.45 7.22 -4.97
C LEU D 396 5.62 6.69 -6.15
N VAL D 397 5.76 5.41 -6.48
CA VAL D 397 4.99 4.81 -7.56
C VAL D 397 3.50 4.85 -7.24
N ILE D 398 3.14 4.64 -5.97
CA ILE D 398 1.74 4.66 -5.55
C ILE D 398 1.10 6.00 -5.88
N ALA D 399 1.91 7.05 -6.06
CA ALA D 399 1.42 8.39 -6.33
C ALA D 399 1.65 8.87 -7.75
N LEU D 400 2.58 8.28 -8.49
CA LEU D 400 2.93 8.82 -9.80
C LEU D 400 1.79 8.89 -10.81
N PRO D 401 0.98 7.85 -11.05
CA PRO D 401 -0.01 7.93 -12.13
C PRO D 401 -1.34 8.58 -11.73
N VAL D 402 -1.54 8.81 -10.44
CA VAL D 402 -2.79 9.41 -9.97
C VAL D 402 -3.05 10.77 -10.60
N PRO D 403 -2.09 11.70 -10.66
CA PRO D 403 -2.40 13.01 -11.27
C PRO D 403 -2.92 12.88 -12.69
N VAL D 404 -2.25 12.09 -13.53
CA VAL D 404 -2.69 11.94 -14.92
C VAL D 404 -4.09 11.35 -14.97
N ILE D 405 -4.31 10.26 -14.21
CA ILE D 405 -5.59 9.56 -14.31
C ILE D 405 -6.73 10.48 -13.87
N VAL D 406 -6.56 11.13 -12.72
CA VAL D 406 -7.64 11.96 -12.19
C VAL D 406 -7.83 13.22 -13.02
N SER D 407 -6.75 13.76 -13.61
CA SER D 407 -6.90 14.95 -14.44
C SER D 407 -7.68 14.64 -15.71
N ASN D 408 -7.32 13.55 -16.40
CA ASN D 408 -8.07 13.17 -17.60
C ASN D 408 -9.51 12.83 -17.25
N PHE D 409 -9.73 12.09 -16.17
CA PHE D 409 -11.08 11.72 -15.78
C PHE D 409 -11.90 12.97 -15.44
N SER D 410 -11.30 13.93 -14.76
CA SER D 410 -12.00 15.16 -14.42
C SER D 410 -12.33 15.98 -15.66
N ARG D 411 -11.41 16.01 -16.62
CA ARG D 411 -11.70 16.72 -17.87
C ARG D 411 -12.87 16.07 -18.61
N ILE D 412 -12.89 14.74 -18.67
CA ILE D 412 -14.00 14.05 -19.30
C ILE D 412 -15.30 14.32 -18.55
N TYR D 413 -15.25 14.32 -17.21
CA TYR D 413 -16.44 14.59 -16.41
C TYR D 413 -16.97 16.00 -16.67
N HIS D 414 -16.08 16.99 -16.72
CA HIS D 414 -16.49 18.36 -16.96
C HIS D 414 -17.10 18.51 -18.35
N GLN D 415 -16.50 17.89 -19.37
CA GLN D 415 -17.09 17.96 -20.69
C GLN D 415 -18.44 17.24 -20.75
N ASN D 416 -18.58 16.14 -20.02
CA ASN D 416 -19.87 15.45 -19.97
C ASN D 416 -20.94 16.32 -19.34
N GLN D 417 -20.60 17.00 -18.23
CA GLN D 417 -21.59 17.87 -17.61
C GLN D 417 -21.90 19.08 -18.50
N ARG D 418 -20.89 19.57 -19.24
CA ARG D 418 -21.15 20.64 -20.20
C ARG D 418 -22.14 20.19 -21.27
N ALA D 419 -21.95 18.99 -21.81
CA ALA D 419 -22.89 18.47 -22.79
C ALA D 419 -24.28 18.28 -22.17
N ASP D 420 -24.32 17.79 -20.93
CA ASP D 420 -25.60 17.55 -20.27
C ASP D 420 -26.37 18.84 -20.07
N LYS D 421 -25.69 19.90 -19.64
CA LYS D 421 -26.37 21.19 -19.48
C LYS D 421 -26.69 21.80 -20.84
N ARG D 422 -25.92 21.46 -21.88
CA ARG D 422 -26.29 21.88 -23.22
C ARG D 422 -27.58 21.19 -23.67
N ARG D 423 -27.81 19.97 -23.20
CA ARG D 423 -29.07 19.29 -23.47
C ARG D 423 -30.24 20.06 -22.87
N ALA D 424 -30.07 20.59 -21.67
CA ALA D 424 -31.10 21.38 -21.01
C ALA D 424 -31.35 22.69 -21.74
K K E . 0.67 -1.79 0.47
K K F . 1.88 -5.09 1.36
K K G . 3.02 -8.14 2.18
K K H . 4.16 -11.25 3.03
#